data_2YZR
#
_entry.id   2YZR
#
_cell.length_a   106.054
_cell.length_b   170.797
_cell.length_c   173.334
_cell.angle_alpha   90.00
_cell.angle_beta   90.00
_cell.angle_gamma   90.00
#
_symmetry.space_group_name_H-M   'I 2 2 2'
#
loop_
_entity.id
_entity.type
_entity.pdbx_description
1 polymer 'Pyridoxal biosynthesis lyase pdxS'
2 non-polymer 'CHLORIDE ION'
3 water water
#
_entity_poly.entity_id   1
_entity_poly.type   'polypeptide(L)'
_entity_poly.pdbx_seq_one_letter_code
;MKKGTDLLKKGFAKMVKHGVVMDVTNVEQAQIAEEAGAVAVMALERVPADIRAAGGVARMSDPALIEEIMDAVSIPVMAK
CRIGHTTEALVLEAIGVDMIDESEVLTQADPFFHIYKKKFNVPFVCGARNLGEAVRRIWEGAAMIRTKGEAGTGNIVEAV
RHMRLMNEAIAQLQRMTDEEVYGVAKFYANRYAELAKTVREGMGLPATVLENEPIYEGFTLAEIIDGLYEVLLEVKKLGR
LPVVNFAAGGVATPADAALMMQLGSDGVFVGSGIFKSENPLERARAIVEATYNYDKPDIVAEVSKNLGEAMKGIDITQIS
EAEKMQYRGD
;
_entity_poly.pdbx_strand_id   A,B,C
#
loop_
_chem_comp.id
_chem_comp.type
_chem_comp.name
_chem_comp.formula
CL non-polymer 'CHLORIDE ION' 'Cl -1'
#
# COMPACT_ATOMS: atom_id res chain seq x y z
N THR A 5 30.33 29.43 -1.83
CA THR A 5 29.83 30.33 -0.75
C THR A 5 28.97 29.57 0.24
N ASP A 6 27.83 29.08 -0.24
CA ASP A 6 26.88 28.31 0.59
C ASP A 6 26.21 29.18 1.65
N LEU A 7 26.99 29.67 2.61
CA LEU A 7 26.46 30.52 3.68
C LEU A 7 26.51 31.98 3.23
N LEU A 8 27.45 32.29 2.35
CA LEU A 8 27.60 33.65 1.84
C LEU A 8 26.49 34.03 0.88
N LYS A 9 25.98 33.04 0.14
CA LYS A 9 24.90 33.29 -0.82
C LYS A 9 23.65 33.76 -0.09
N LYS A 10 23.23 33.02 0.94
CA LYS A 10 22.06 33.37 1.71
C LYS A 10 22.36 34.59 2.59
N GLY A 11 23.65 34.83 2.83
CA GLY A 11 24.05 35.96 3.63
C GLY A 11 23.70 37.26 2.93
N PHE A 12 23.99 37.33 1.63
CA PHE A 12 23.70 38.52 0.85
C PHE A 12 22.19 38.76 0.72
N ALA A 13 21.46 37.66 0.51
CA ALA A 13 20.01 37.73 0.35
C ALA A 13 19.29 38.25 1.59
N LYS A 14 19.75 37.88 2.78
CA LYS A 14 19.09 38.33 3.99
C LYS A 14 19.26 39.83 4.23
N MET A 15 20.23 40.44 3.57
CA MET A 15 20.45 41.87 3.75
C MET A 15 19.63 42.74 2.80
N VAL A 16 18.97 42.10 1.84
CA VAL A 16 18.14 42.84 0.90
C VAL A 16 16.67 42.72 1.29
N LYS A 17 16.35 41.75 2.14
CA LYS A 17 14.97 41.54 2.57
C LYS A 17 14.39 42.79 3.22
N HIS A 18 13.09 42.96 3.04
CA HIS A 18 12.33 44.09 3.58
C HIS A 18 12.47 45.34 2.71
N GLY A 19 13.35 45.26 1.72
CA GLY A 19 13.55 46.41 0.85
C GLY A 19 12.94 46.30 -0.53
N VAL A 20 13.27 47.29 -1.36
CA VAL A 20 12.77 47.35 -2.72
C VAL A 20 13.92 47.29 -3.70
N VAL A 21 13.82 46.39 -4.68
CA VAL A 21 14.84 46.27 -5.73
C VAL A 21 14.23 46.93 -6.96
N MET A 22 14.96 47.89 -7.53
CA MET A 22 14.45 48.60 -8.69
C MET A 22 15.23 48.35 -9.97
N ASP A 23 14.50 48.27 -11.09
CA ASP A 23 15.12 48.07 -12.39
C ASP A 23 15.57 49.44 -12.88
N VAL A 24 16.80 49.51 -13.37
CA VAL A 24 17.34 50.77 -13.88
C VAL A 24 18.04 50.51 -15.21
N THR A 25 18.02 51.50 -16.10
CA THR A 25 18.64 51.36 -17.41
C THR A 25 19.85 52.27 -17.62
N ASN A 26 20.12 53.15 -16.66
CA ASN A 26 21.26 54.05 -16.77
C ASN A 26 21.71 54.59 -15.43
N VAL A 27 22.79 55.37 -15.47
CA VAL A 27 23.38 55.95 -14.26
C VAL A 27 22.41 56.85 -13.52
N GLU A 28 21.65 57.65 -14.27
CA GLU A 28 20.69 58.56 -13.66
C GLU A 28 19.63 57.81 -12.87
N GLN A 29 19.05 56.77 -13.47
CA GLN A 29 18.02 55.99 -12.80
C GLN A 29 18.60 55.27 -11.59
N ALA A 30 19.76 54.64 -11.76
CA ALA A 30 20.40 53.94 -10.67
C ALA A 30 20.58 54.90 -9.50
N GLN A 31 21.05 56.11 -9.79
CA GLN A 31 21.25 57.10 -8.76
C GLN A 31 19.92 57.50 -8.13
N ILE A 32 18.91 57.69 -8.96
CA ILE A 32 17.59 58.05 -8.46
C ILE A 32 17.11 56.93 -7.53
N ALA A 33 17.31 55.69 -7.96
CA ALA A 33 16.92 54.53 -7.15
C ALA A 33 17.61 54.57 -5.79
N GLU A 34 18.91 54.86 -5.79
CA GLU A 34 19.65 54.93 -4.54
C GLU A 34 19.17 56.03 -3.61
N GLU A 35 18.99 57.24 -4.14
CA GLU A 35 18.52 58.33 -3.29
C GLU A 35 17.08 58.10 -2.84
N ALA A 36 16.35 57.26 -3.56
CA ALA A 36 14.97 56.95 -3.20
C ALA A 36 14.93 55.97 -2.03
N GLY A 37 16.02 55.22 -1.85
CA GLY A 37 16.07 54.27 -0.75
C GLY A 37 16.05 52.80 -1.13
N ALA A 38 16.27 52.50 -2.40
CA ALA A 38 16.27 51.11 -2.86
C ALA A 38 17.39 50.34 -2.14
N VAL A 39 17.17 49.05 -1.91
CA VAL A 39 18.19 48.23 -1.25
C VAL A 39 19.18 47.75 -2.30
N ALA A 40 18.74 47.75 -3.56
CA ALA A 40 19.58 47.31 -4.67
C ALA A 40 18.91 47.64 -5.99
N VAL A 41 19.66 47.54 -7.08
CA VAL A 41 19.12 47.80 -8.40
C VAL A 41 19.36 46.62 -9.32
N MET A 42 18.51 46.52 -10.33
CA MET A 42 18.57 45.46 -11.32
C MET A 42 18.89 46.18 -12.63
N ALA A 43 20.14 46.05 -13.08
CA ALA A 43 20.58 46.69 -14.31
C ALA A 43 20.16 45.91 -15.55
N LEU A 44 19.57 46.62 -16.50
CA LEU A 44 19.14 46.03 -17.77
C LEU A 44 18.95 47.12 -18.80
N GLU A 45 19.11 46.76 -20.08
CA GLU A 45 18.98 47.72 -21.17
C GLU A 45 17.55 48.22 -21.39
N ARG A 46 16.56 47.35 -21.14
CA ARG A 46 15.16 47.72 -21.32
C ARG A 46 14.24 47.09 -20.27
N VAL A 47 13.38 47.90 -19.66
CA VAL A 47 12.45 47.40 -18.64
C VAL A 47 11.49 46.38 -19.25
N PRO A 48 10.92 45.48 -18.43
CA PRO A 48 9.99 44.45 -18.89
C PRO A 48 8.81 44.96 -19.72
N ALA A 49 8.31 46.16 -19.38
CA ALA A 49 7.19 46.74 -20.10
C ALA A 49 7.57 47.04 -21.55
N ASP A 50 8.84 47.43 -21.75
CA ASP A 50 9.34 47.74 -23.08
C ASP A 50 9.80 46.46 -23.77
N ILE A 51 10.30 45.51 -22.99
CA ILE A 51 10.76 44.24 -23.52
C ILE A 51 9.63 43.58 -24.29
N ARG A 52 8.42 43.72 -23.78
CA ARG A 52 7.24 43.14 -24.42
C ARG A 52 6.45 44.20 -25.18
N GLY A 55 9.28 42.67 -28.49
CA GLY A 55 9.05 42.34 -29.89
C GLY A 55 10.15 41.47 -30.48
N GLY A 56 11.36 41.59 -29.93
CA GLY A 56 12.47 40.80 -30.44
C GLY A 56 13.02 39.83 -29.40
N VAL A 57 14.32 39.57 -29.47
CA VAL A 57 14.96 38.66 -28.53
C VAL A 57 15.65 39.45 -27.43
N ALA A 58 15.20 39.27 -26.20
CA ALA A 58 15.78 39.97 -25.06
C ALA A 58 16.87 39.11 -24.45
N ARG A 59 18.11 39.60 -24.50
CA ARG A 59 19.24 38.87 -23.97
C ARG A 59 19.91 39.64 -22.84
N MET A 60 21.00 39.08 -22.33
CA MET A 60 21.78 39.69 -21.26
C MET A 60 22.22 41.09 -21.71
N SER A 61 22.31 42.03 -20.77
CA SER A 61 22.72 43.38 -21.10
C SER A 61 24.22 43.47 -21.30
N ASP A 62 24.66 44.42 -22.12
CA ASP A 62 26.08 44.62 -22.39
C ASP A 62 26.80 44.76 -21.05
N PRO A 63 27.87 43.99 -20.83
CA PRO A 63 28.63 44.06 -19.58
C PRO A 63 29.10 45.47 -19.24
N ALA A 64 29.37 46.26 -20.28
CA ALA A 64 29.83 47.63 -20.10
C ALA A 64 28.78 48.48 -19.41
N LEU A 65 27.52 48.30 -19.81
CA LEU A 65 26.41 49.03 -19.23
C LEU A 65 26.23 48.64 -17.76
N ILE A 66 26.41 47.36 -17.47
CA ILE A 66 26.26 46.88 -16.09
C ILE A 66 27.39 47.41 -15.20
N GLU A 67 28.61 47.45 -15.74
CA GLU A 67 29.75 47.95 -14.97
C GLU A 67 29.60 49.44 -14.69
N GLU A 68 29.09 50.20 -15.66
CA GLU A 68 28.88 51.63 -15.47
C GLU A 68 27.93 51.85 -14.30
N ILE A 69 26.90 51.01 -14.23
CA ILE A 69 25.91 51.11 -13.16
C ILE A 69 26.52 50.69 -11.84
N MET A 70 27.37 49.67 -11.87
CA MET A 70 28.02 49.20 -10.64
C MET A 70 28.91 50.31 -10.09
N ASP A 71 29.52 51.08 -10.97
CA ASP A 71 30.40 52.17 -10.54
C ASP A 71 29.65 53.43 -10.12
N ALA A 72 28.40 53.57 -10.59
CA ALA A 72 27.60 54.75 -10.27
C ALA A 72 26.91 54.74 -8.92
N VAL A 73 26.72 53.55 -8.33
CA VAL A 73 26.04 53.48 -7.04
C VAL A 73 26.79 52.65 -6.02
N SER A 74 26.51 52.90 -4.75
CA SER A 74 27.18 52.18 -3.67
C SER A 74 26.35 50.99 -3.17
N ILE A 75 25.12 50.85 -3.64
CA ILE A 75 24.29 49.72 -3.23
C ILE A 75 24.54 48.56 -4.19
N PRO A 76 24.20 47.33 -3.79
CA PRO A 76 24.42 46.18 -4.68
C PRO A 76 23.66 46.22 -6.01
N VAL A 77 24.25 45.58 -7.02
CA VAL A 77 23.69 45.53 -8.37
C VAL A 77 23.46 44.10 -8.86
N MET A 78 22.30 43.87 -9.47
CA MET A 78 21.94 42.57 -10.01
C MET A 78 21.82 42.72 -11.52
N ALA A 79 21.79 41.59 -12.22
CA ALA A 79 21.63 41.60 -13.67
C ALA A 79 20.92 40.33 -14.09
N LYS A 80 20.24 40.38 -15.22
CA LYS A 80 19.50 39.23 -15.71
C LYS A 80 20.20 38.44 -16.79
N CYS A 81 19.91 37.15 -16.81
CA CYS A 81 20.45 36.26 -17.83
C CYS A 81 19.27 35.40 -18.28
N ARG A 82 19.30 34.94 -19.51
CA ARG A 82 18.22 34.11 -20.03
C ARG A 82 18.21 32.77 -19.32
N ILE A 83 17.02 32.19 -19.17
CA ILE A 83 16.87 30.90 -18.52
C ILE A 83 17.72 29.84 -19.23
N GLY A 84 18.52 29.12 -18.45
CA GLY A 84 19.38 28.08 -19.02
C GLY A 84 20.65 28.54 -19.71
N HIS A 85 20.87 29.86 -19.78
CA HIS A 85 22.06 30.37 -20.46
C HIS A 85 23.25 30.42 -19.51
N THR A 86 23.91 29.27 -19.34
CA THR A 86 25.05 29.14 -18.45
C THR A 86 26.17 30.14 -18.74
N THR A 87 26.43 30.38 -20.02
CA THR A 87 27.50 31.31 -20.41
C THR A 87 27.20 32.76 -20.06
N GLU A 88 25.97 33.21 -20.28
CA GLU A 88 25.64 34.59 -19.92
C GLU A 88 25.88 34.72 -18.41
N ALA A 89 25.40 33.75 -17.65
CA ALA A 89 25.56 33.77 -16.20
C ALA A 89 27.04 33.81 -15.81
N LEU A 90 27.86 33.04 -16.50
CA LEU A 90 29.29 33.00 -16.21
C LEU A 90 29.91 34.36 -16.49
N VAL A 91 29.37 35.06 -17.49
CA VAL A 91 29.87 36.38 -17.83
C VAL A 91 29.52 37.37 -16.72
N LEU A 92 28.27 37.33 -16.26
CA LEU A 92 27.83 38.23 -15.21
C LEU A 92 28.60 38.00 -13.93
N GLU A 93 28.95 36.74 -13.67
CA GLU A 93 29.70 36.41 -12.46
C GLU A 93 31.11 36.96 -12.57
N ALA A 94 31.70 36.86 -13.76
CA ALA A 94 33.06 37.34 -13.98
C ALA A 94 33.17 38.86 -13.82
N ILE A 95 32.16 39.60 -14.27
CA ILE A 95 32.24 41.06 -14.14
C ILE A 95 31.93 41.50 -12.71
N GLY A 96 31.52 40.55 -11.87
CA GLY A 96 31.26 40.87 -10.48
C GLY A 96 29.90 41.36 -9.98
N VAL A 97 28.81 41.01 -10.65
CA VAL A 97 27.52 41.46 -10.15
C VAL A 97 27.27 40.84 -8.78
N ASP A 98 26.40 41.44 -7.98
CA ASP A 98 26.12 40.92 -6.65
C ASP A 98 25.16 39.74 -6.65
N MET A 99 24.33 39.66 -7.68
CA MET A 99 23.36 38.58 -7.78
C MET A 99 22.86 38.47 -9.21
N ILE A 100 22.64 37.25 -9.66
CA ILE A 100 22.15 37.01 -11.01
C ILE A 100 20.69 36.57 -10.97
N ASP A 101 19.90 37.15 -11.88
CA ASP A 101 18.49 36.82 -11.96
C ASP A 101 18.21 36.02 -13.23
N GLU A 102 18.06 34.70 -13.09
CA GLU A 102 17.75 33.84 -14.24
C GLU A 102 16.27 34.12 -14.45
N SER A 103 15.97 35.03 -15.37
CA SER A 103 14.59 35.46 -15.57
C SER A 103 13.84 35.12 -16.84
N GLU A 104 12.55 34.91 -16.67
CA GLU A 104 11.65 34.59 -17.76
C GLU A 104 11.22 35.85 -18.52
N VAL A 105 11.66 37.01 -18.06
CA VAL A 105 11.31 38.25 -18.74
C VAL A 105 12.17 38.33 -20.00
N LEU A 106 13.32 37.65 -19.95
CA LEU A 106 14.23 37.58 -21.07
C LEU A 106 13.83 36.34 -21.88
N THR A 107 14.31 36.25 -23.12
CA THR A 107 13.99 35.12 -23.99
C THR A 107 14.70 33.84 -23.53
N GLN A 108 13.93 32.82 -23.15
CA GLN A 108 14.50 31.57 -22.69
C GLN A 108 15.49 30.99 -23.71
N ALA A 109 16.66 30.57 -23.22
CA ALA A 109 17.69 30.02 -24.09
C ALA A 109 17.73 28.50 -24.15
N ASP A 110 17.33 27.84 -23.07
CA ASP A 110 17.29 26.38 -23.00
C ASP A 110 15.85 26.00 -22.66
N PRO A 111 15.16 25.31 -23.58
CA PRO A 111 13.77 24.91 -23.37
C PRO A 111 13.58 23.76 -22.38
N PHE A 112 14.65 23.05 -22.08
CA PHE A 112 14.55 21.90 -21.18
C PHE A 112 15.04 22.12 -19.75
N PHE A 113 16.15 22.82 -19.58
CA PHE A 113 16.70 23.01 -18.23
C PHE A 113 17.15 24.40 -17.84
N HIS A 114 17.02 24.69 -16.55
CA HIS A 114 17.47 25.95 -16.00
C HIS A 114 18.94 25.72 -15.64
N ILE A 115 19.66 26.80 -15.41
CA ILE A 115 21.07 26.72 -15.04
C ILE A 115 21.27 25.96 -13.74
N TYR A 116 22.34 25.18 -13.64
CA TYR A 116 22.65 24.48 -12.40
C TYR A 116 23.39 25.50 -11.57
N LYS A 117 22.64 26.25 -10.78
CA LYS A 117 23.17 27.34 -9.96
C LYS A 117 24.12 27.00 -8.81
N LYS A 118 24.02 25.78 -8.29
CA LYS A 118 24.88 25.38 -7.18
C LYS A 118 26.38 25.45 -7.45
N LYS A 119 26.78 25.28 -8.71
CA LYS A 119 28.22 25.32 -9.01
C LYS A 119 28.77 26.74 -9.17
N PHE A 120 27.92 27.75 -9.03
CA PHE A 120 28.37 29.13 -9.15
C PHE A 120 28.73 29.69 -7.77
N ASN A 121 29.53 30.75 -7.74
CA ASN A 121 29.92 31.40 -6.51
C ASN A 121 28.91 32.50 -6.18
N VAL A 122 28.48 33.21 -7.22
CA VAL A 122 27.52 34.30 -7.06
C VAL A 122 26.12 33.73 -6.81
N PRO A 123 25.32 34.39 -5.97
CA PRO A 123 23.96 33.90 -5.70
C PRO A 123 22.99 34.20 -6.84
N PHE A 124 21.94 33.39 -6.94
CA PHE A 124 20.92 33.55 -7.97
C PHE A 124 19.54 33.80 -7.38
N VAL A 125 18.72 34.55 -8.11
CA VAL A 125 17.34 34.76 -7.73
C VAL A 125 16.56 34.16 -8.91
N CYS A 126 15.56 33.33 -8.62
CA CYS A 126 14.77 32.72 -9.68
C CYS A 126 13.29 32.99 -9.48
N GLY A 127 12.54 33.02 -10.58
CA GLY A 127 11.11 33.24 -10.49
C GLY A 127 10.40 31.93 -10.24
N ALA A 128 9.19 32.01 -9.70
CA ALA A 128 8.41 30.82 -9.41
C ALA A 128 6.93 31.19 -9.39
N ARG A 129 6.10 30.39 -10.05
CA ARG A 129 4.67 30.64 -10.11
C ARG A 129 3.93 29.85 -9.05
N ASN A 130 4.57 28.80 -8.52
CA ASN A 130 3.96 27.95 -7.52
C ASN A 130 5.02 27.21 -6.72
N LEU A 131 4.59 26.41 -5.75
CA LEU A 131 5.53 25.69 -4.90
C LEU A 131 6.45 24.74 -5.67
N GLY A 132 5.90 24.01 -6.63
CA GLY A 132 6.69 23.08 -7.41
C GLY A 132 7.87 23.76 -8.08
N GLU A 133 7.63 24.93 -8.67
CA GLU A 133 8.68 25.67 -9.35
C GLU A 133 9.72 26.18 -8.36
N ALA A 134 9.25 26.69 -7.22
CA ALA A 134 10.15 27.22 -6.20
C ALA A 134 11.08 26.12 -5.68
N VAL A 135 10.51 24.96 -5.41
CA VAL A 135 11.29 23.85 -4.92
C VAL A 135 12.32 23.36 -5.94
N ARG A 136 11.95 23.32 -7.22
CA ARG A 136 12.90 22.91 -8.24
C ARG A 136 14.00 23.96 -8.42
N ARG A 137 13.64 25.24 -8.39
CA ARG A 137 14.65 26.30 -8.54
C ARG A 137 15.59 26.28 -7.33
N ILE A 138 15.04 26.09 -6.13
CA ILE A 138 15.84 26.06 -4.92
C ILE A 138 16.80 24.88 -4.92
N TRP A 139 16.32 23.71 -5.34
CA TRP A 139 17.17 22.53 -5.39
C TRP A 139 18.28 22.74 -6.40
N GLU A 140 17.98 23.50 -7.45
CA GLU A 140 18.98 23.79 -8.49
C GLU A 140 20.03 24.76 -7.95
N GLY A 141 19.72 25.45 -6.84
CA GLY A 141 20.70 26.37 -6.27
C GLY A 141 20.27 27.80 -5.99
N ALA A 142 19.05 28.17 -6.38
CA ALA A 142 18.58 29.52 -6.14
C ALA A 142 18.76 29.90 -4.66
N ALA A 143 19.26 31.10 -4.42
CA ALA A 143 19.47 31.61 -3.07
C ALA A 143 18.33 32.57 -2.72
N MET A 144 17.52 32.88 -3.73
CA MET A 144 16.41 33.79 -3.55
C MET A 144 15.32 33.46 -4.58
N ILE A 145 14.08 33.65 -4.17
CA ILE A 145 12.95 33.39 -5.04
C ILE A 145 12.10 34.64 -5.19
N ARG A 146 11.58 34.87 -6.38
CA ARG A 146 10.67 35.98 -6.57
C ARG A 146 9.41 35.38 -7.16
N THR A 147 8.34 35.42 -6.38
CA THR A 147 7.06 34.89 -6.80
C THR A 147 6.56 35.87 -7.85
N LYS A 148 6.96 35.60 -9.08
CA LYS A 148 6.64 36.42 -10.24
C LYS A 148 5.17 36.46 -10.61
N GLY A 149 4.86 37.38 -11.52
CA GLY A 149 3.50 37.51 -11.98
C GLY A 149 3.51 37.79 -13.47
N GLU A 150 3.39 39.07 -13.81
CA GLU A 150 3.38 39.48 -15.21
C GLU A 150 4.14 40.80 -15.30
N ALA A 151 5.44 40.70 -15.50
CA ALA A 151 6.29 41.88 -15.61
C ALA A 151 5.88 42.72 -16.80
N GLY A 152 5.81 44.03 -16.60
CA GLY A 152 5.44 44.94 -17.68
C GLY A 152 3.98 45.29 -17.83
N THR A 153 3.10 44.70 -17.03
CA THR A 153 1.68 44.98 -17.13
C THR A 153 1.12 45.95 -16.10
N GLY A 154 1.88 46.18 -15.02
CA GLY A 154 1.40 47.07 -13.98
C GLY A 154 0.14 46.56 -13.32
N ASN A 155 -0.18 45.29 -13.56
CA ASN A 155 -1.36 44.67 -12.98
C ASN A 155 -0.90 43.72 -11.86
N ILE A 156 -1.19 44.09 -10.63
CA ILE A 156 -0.77 43.32 -9.47
C ILE A 156 -1.42 41.92 -9.33
N VAL A 157 -2.49 41.68 -10.07
CA VAL A 157 -3.21 40.41 -9.97
C VAL A 157 -2.33 39.17 -10.17
N GLU A 158 -1.37 39.25 -11.08
CA GLU A 158 -0.50 38.11 -11.33
C GLU A 158 0.35 37.80 -10.10
N ALA A 159 0.96 38.83 -9.52
CA ALA A 159 1.76 38.64 -8.33
C ALA A 159 0.90 38.09 -7.19
N VAL A 160 -0.33 38.57 -7.08
CA VAL A 160 -1.21 38.09 -6.02
C VAL A 160 -1.60 36.63 -6.22
N ARG A 161 -1.93 36.27 -7.45
CA ARG A 161 -2.32 34.89 -7.75
C ARG A 161 -1.27 33.91 -7.29
N HIS A 162 -0.03 34.15 -7.69
CA HIS A 162 1.05 33.26 -7.35
C HIS A 162 1.44 33.23 -5.89
N MET A 163 1.30 34.34 -5.19
CA MET A 163 1.63 34.32 -3.76
C MET A 163 0.51 33.53 -3.06
N ARG A 164 -0.72 33.68 -3.55
CA ARG A 164 -1.85 32.95 -2.97
C ARG A 164 -1.61 31.45 -3.14
N LEU A 165 -1.18 31.06 -4.34
CA LEU A 165 -0.89 29.66 -4.64
C LEU A 165 0.25 29.13 -3.79
N MET A 166 1.26 29.96 -3.61
CA MET A 166 2.43 29.58 -2.82
C MET A 166 2.03 29.37 -1.35
N ASN A 167 1.33 30.35 -0.77
CA ASN A 167 0.91 30.24 0.61
C ASN A 167 -0.01 29.06 0.88
N GLU A 168 -0.99 28.83 0.00
CA GLU A 168 -1.92 27.73 0.19
C GLU A 168 -1.22 26.38 0.09
N ALA A 169 -0.30 26.23 -0.87
CA ALA A 169 0.43 24.98 -1.03
C ALA A 169 1.29 24.68 0.19
N ILE A 170 1.93 25.71 0.75
CA ILE A 170 2.77 25.52 1.92
C ILE A 170 1.89 25.17 3.13
N ALA A 171 0.70 25.77 3.20
CA ALA A 171 -0.21 25.47 4.28
C ALA A 171 -0.67 24.00 4.19
N GLN A 172 -0.92 23.52 2.98
CA GLN A 172 -1.34 22.13 2.82
C GLN A 172 -0.17 21.16 3.10
N LEU A 173 1.03 21.56 2.72
CA LEU A 173 2.22 20.73 2.93
C LEU A 173 2.45 20.45 4.43
N GLN A 174 2.21 21.45 5.27
CA GLN A 174 2.41 21.30 6.71
C GLN A 174 1.45 20.30 7.37
N ARG A 175 0.37 19.95 6.69
CA ARG A 175 -0.60 19.00 7.23
C ARG A 175 -0.28 17.58 6.80
N MET A 176 0.77 17.42 6.02
CA MET A 176 1.14 16.09 5.53
C MET A 176 2.23 15.39 6.33
N THR A 177 2.20 14.07 6.30
CA THR A 177 3.22 13.26 6.96
C THR A 177 4.40 13.31 6.00
N ASP A 178 5.58 12.89 6.48
CA ASP A 178 6.77 12.88 5.63
C ASP A 178 6.58 11.97 4.40
N GLU A 179 5.89 10.86 4.58
CA GLU A 179 5.64 9.92 3.48
C GLU A 179 4.82 10.61 2.40
N GLU A 180 3.84 11.41 2.81
CA GLU A 180 3.00 12.13 1.87
C GLU A 180 3.80 13.23 1.16
N VAL A 181 4.73 13.84 1.88
CA VAL A 181 5.56 14.88 1.28
C VAL A 181 6.45 14.24 0.21
N TYR A 182 6.92 13.02 0.48
CA TYR A 182 7.76 12.34 -0.50
C TYR A 182 6.96 12.15 -1.78
N GLY A 183 5.67 11.84 -1.61
CA GLY A 183 4.80 11.66 -2.77
C GLY A 183 4.74 12.94 -3.59
N VAL A 184 4.78 14.09 -2.93
CA VAL A 184 4.73 15.37 -3.64
C VAL A 184 6.06 15.62 -4.36
N ALA A 185 7.17 15.28 -3.71
CA ALA A 185 8.49 15.44 -4.31
C ALA A 185 8.60 14.59 -5.56
N LYS A 186 8.02 13.40 -5.53
CA LYS A 186 8.07 12.50 -6.66
C LYS A 186 7.33 13.13 -7.84
N PHE A 187 6.17 13.72 -7.55
CA PHE A 187 5.39 14.35 -8.59
C PHE A 187 6.13 15.55 -9.19
N TYR A 188 6.75 16.35 -8.32
CA TYR A 188 7.48 17.54 -8.75
C TYR A 188 8.70 17.24 -9.63
N ALA A 189 9.33 16.10 -9.41
CA ALA A 189 10.51 15.73 -10.15
C ALA A 189 10.28 15.31 -11.59
N ASN A 190 9.06 14.89 -11.91
CA ASN A 190 8.77 14.45 -13.28
C ASN A 190 9.16 15.42 -14.38
N ARG A 191 9.06 16.70 -14.12
CA ARG A 191 9.40 17.72 -15.12
C ARG A 191 10.82 17.56 -15.68
N TYR A 192 11.74 17.01 -14.89
CA TYR A 192 13.11 16.83 -15.33
C TYR A 192 13.29 15.72 -16.37
N ALA A 193 12.33 14.80 -16.46
CA ALA A 193 12.45 13.70 -17.40
C ALA A 193 11.83 13.95 -18.77
N GLU A 194 11.37 15.17 -19.00
CA GLU A 194 10.74 15.50 -20.27
C GLU A 194 11.62 15.26 -21.49
N LEU A 195 12.86 15.74 -21.41
CA LEU A 195 13.80 15.57 -22.52
C LEU A 195 14.02 14.09 -22.81
N ALA A 196 14.32 13.32 -21.76
CA ALA A 196 14.56 11.88 -21.91
C ALA A 196 13.38 11.18 -22.60
N LYS A 197 12.16 11.47 -22.16
CA LYS A 197 10.97 10.84 -22.75
C LYS A 197 10.74 11.22 -24.22
N THR A 198 10.96 12.49 -24.54
CA THR A 198 10.79 12.99 -25.91
C THR A 198 11.80 12.32 -26.84
N VAL A 199 13.03 12.19 -26.38
CA VAL A 199 14.09 11.57 -27.16
C VAL A 199 13.82 10.08 -27.38
N ARG A 200 13.32 9.40 -26.34
CA ARG A 200 13.05 7.97 -26.47
C ARG A 200 11.95 7.76 -27.50
N GLU A 201 10.94 8.62 -27.47
CA GLU A 201 9.83 8.52 -28.42
C GLU A 201 10.37 8.76 -29.83
N GLY A 202 11.27 9.71 -29.97
CA GLY A 202 11.85 10.01 -31.27
C GLY A 202 12.64 8.84 -31.84
N MET A 203 13.08 7.94 -30.97
CA MET A 203 13.84 6.78 -31.39
C MET A 203 12.92 5.57 -31.61
N GLY A 204 11.61 5.83 -31.59
CA GLY A 204 10.62 4.77 -31.82
C GLY A 204 10.28 3.87 -30.63
N LEU A 205 10.45 4.39 -29.42
CA LEU A 205 10.17 3.61 -28.22
C LEU A 205 9.19 4.35 -27.30
N PRO A 206 8.61 3.64 -26.32
CA PRO A 206 7.66 4.27 -25.39
C PRO A 206 8.28 5.50 -24.72
N ALA A 207 7.47 6.55 -24.55
CA ALA A 207 7.95 7.78 -23.92
C ALA A 207 8.01 7.62 -22.41
N THR A 208 8.88 6.72 -21.96
CA THR A 208 9.04 6.44 -20.54
C THR A 208 10.51 6.59 -20.18
N VAL A 209 10.80 6.53 -18.89
CA VAL A 209 12.17 6.66 -18.44
C VAL A 209 12.41 5.74 -17.24
N LEU A 210 13.67 5.34 -17.06
CA LEU A 210 14.04 4.49 -15.92
C LEU A 210 14.50 5.47 -14.82
N GLU A 211 14.10 5.25 -13.58
CA GLU A 211 14.48 6.18 -12.52
C GLU A 211 15.94 6.21 -12.11
N ASN A 212 16.76 5.30 -12.64
CA ASN A 212 18.17 5.29 -12.26
C ASN A 212 19.12 5.71 -13.39
N GLU A 213 18.56 6.32 -14.44
CA GLU A 213 19.36 6.83 -15.55
C GLU A 213 19.57 8.33 -15.33
N PRO A 214 20.76 8.85 -15.65
CA PRO A 214 21.07 10.28 -15.48
C PRO A 214 20.22 11.14 -16.40
N ILE A 215 19.64 12.22 -15.89
CA ILE A 215 18.83 13.09 -16.74
C ILE A 215 19.14 14.57 -16.58
N TYR A 216 19.70 14.97 -15.45
CA TYR A 216 20.02 16.37 -15.22
C TYR A 216 21.30 16.54 -14.41
N GLU A 217 22.32 17.11 -15.04
CA GLU A 217 23.58 17.37 -14.35
C GLU A 217 24.12 16.11 -13.67
N GLY A 218 23.92 14.96 -14.31
CA GLY A 218 24.41 13.70 -13.75
C GLY A 218 23.50 13.06 -12.71
N PHE A 219 22.46 13.76 -12.28
CA PHE A 219 21.53 13.23 -11.27
C PHE A 219 20.47 12.36 -11.94
N THR A 220 20.09 11.26 -11.31
CA THR A 220 19.04 10.38 -11.85
C THR A 220 17.70 10.89 -11.29
N LEU A 221 16.60 10.45 -11.87
CA LEU A 221 15.29 10.87 -11.39
C LEU A 221 15.17 10.55 -9.91
N ALA A 222 15.59 9.34 -9.53
CA ALA A 222 15.54 8.92 -8.13
C ALA A 222 16.27 9.90 -7.22
N GLU A 223 17.47 10.30 -7.61
CA GLU A 223 18.26 11.23 -6.80
C GLU A 223 17.65 12.62 -6.79
N ILE A 224 16.98 13.00 -7.88
CA ILE A 224 16.36 14.32 -7.95
C ILE A 224 15.16 14.37 -6.99
N ILE A 225 14.41 13.28 -6.92
CA ILE A 225 13.27 13.18 -6.03
C ILE A 225 13.71 13.35 -4.58
N ASP A 226 14.82 12.69 -4.20
CA ASP A 226 15.33 12.80 -2.84
C ASP A 226 15.74 14.24 -2.56
N GLY A 227 16.33 14.89 -3.56
CA GLY A 227 16.74 16.28 -3.40
C GLY A 227 15.54 17.18 -3.18
N LEU A 228 14.51 17.03 -4.01
CA LEU A 228 13.31 17.84 -3.88
C LEU A 228 12.63 17.53 -2.55
N TYR A 229 12.66 16.27 -2.15
CA TYR A 229 12.06 15.84 -0.89
C TYR A 229 12.71 16.58 0.29
N GLU A 230 14.03 16.70 0.26
CA GLU A 230 14.72 17.39 1.34
C GLU A 230 14.35 18.86 1.41
N VAL A 231 14.17 19.51 0.26
CA VAL A 231 13.80 20.92 0.26
C VAL A 231 12.38 21.05 0.82
N LEU A 232 11.49 20.15 0.41
CA LEU A 232 10.11 20.16 0.88
C LEU A 232 10.02 19.98 2.39
N LEU A 233 10.90 19.15 2.95
CA LEU A 233 10.91 18.95 4.40
C LEU A 233 11.27 20.25 5.09
N GLU A 234 12.18 21.03 4.49
CA GLU A 234 12.58 22.32 5.05
C GLU A 234 11.39 23.27 5.00
N VAL A 235 10.70 23.28 3.85
CA VAL A 235 9.54 24.13 3.68
C VAL A 235 8.48 23.78 4.73
N LYS A 236 8.27 22.48 4.95
CA LYS A 236 7.30 22.01 5.92
C LYS A 236 7.66 22.47 7.34
N LYS A 237 8.93 22.31 7.70
CA LYS A 237 9.41 22.70 9.03
C LYS A 237 9.28 24.18 9.29
N LEU A 238 9.64 25.00 8.30
CA LEU A 238 9.60 26.45 8.43
C LEU A 238 8.25 27.11 8.20
N GLY A 239 7.37 26.45 7.43
CA GLY A 239 6.08 27.04 7.15
C GLY A 239 6.23 28.12 6.09
N ARG A 240 7.36 28.09 5.39
CA ARG A 240 7.65 29.06 4.32
C ARG A 240 8.87 28.56 3.54
N LEU A 241 9.22 29.25 2.47
CA LEU A 241 10.37 28.85 1.68
C LEU A 241 11.64 29.04 2.50
N PRO A 242 12.64 28.15 2.33
CA PRO A 242 13.89 28.25 3.07
C PRO A 242 14.82 29.36 2.58
N VAL A 243 14.35 30.17 1.63
CA VAL A 243 15.15 31.29 1.12
C VAL A 243 14.27 32.54 1.06
N VAL A 244 14.92 33.69 0.93
CA VAL A 244 14.23 34.97 0.83
C VAL A 244 13.28 34.92 -0.36
N ASN A 245 12.06 35.39 -0.15
CA ASN A 245 11.01 35.38 -1.17
C ASN A 245 10.41 36.76 -1.41
N PHE A 246 10.70 37.34 -2.57
CA PHE A 246 10.20 38.66 -2.94
C PHE A 246 9.05 38.54 -3.94
N ALA A 247 8.19 39.55 -3.96
CA ALA A 247 7.08 39.59 -4.89
C ALA A 247 7.55 40.40 -6.07
N ALA A 248 7.13 40.01 -7.27
CA ALA A 248 7.51 40.71 -8.48
C ALA A 248 6.39 40.55 -9.50
N GLY A 249 6.23 41.54 -10.37
CA GLY A 249 5.18 41.47 -11.36
C GLY A 249 4.59 42.82 -11.72
N GLY A 250 3.41 43.10 -11.17
CA GLY A 250 2.76 44.37 -11.48
C GLY A 250 2.73 45.43 -10.40
N VAL A 251 3.73 45.48 -9.53
CA VAL A 251 3.77 46.50 -8.50
C VAL A 251 3.88 47.85 -9.18
N ALA A 252 2.84 48.68 -9.08
CA ALA A 252 2.86 49.98 -9.72
C ALA A 252 2.54 51.13 -8.77
N THR A 253 1.96 50.80 -7.62
CA THR A 253 1.60 51.83 -6.65
C THR A 253 2.09 51.44 -5.26
N PRO A 254 2.13 52.42 -4.34
CA PRO A 254 2.58 52.14 -2.97
C PRO A 254 1.65 51.12 -2.29
N ALA A 255 0.36 51.21 -2.60
CA ALA A 255 -0.60 50.28 -2.04
C ALA A 255 -0.32 48.84 -2.53
N ASP A 256 0.11 48.69 -3.79
CA ASP A 256 0.43 47.37 -4.34
C ASP A 256 1.57 46.74 -3.56
N ALA A 257 2.61 47.52 -3.30
CA ALA A 257 3.76 47.03 -2.56
C ALA A 257 3.34 46.63 -1.15
N ALA A 258 2.53 47.46 -0.50
CA ALA A 258 2.07 47.15 0.85
C ALA A 258 1.22 45.88 0.88
N LEU A 259 0.45 45.67 -0.18
CA LEU A 259 -0.41 44.48 -0.29
C LEU A 259 0.45 43.22 -0.35
N MET A 260 1.49 43.23 -1.18
CA MET A 260 2.35 42.07 -1.29
C MET A 260 3.01 41.76 0.05
N MET A 261 3.42 42.80 0.78
CA MET A 261 4.04 42.59 2.09
C MET A 261 3.03 41.98 3.05
N GLN A 262 1.77 42.39 2.97
CA GLN A 262 0.75 41.84 3.87
C GLN A 262 0.46 40.39 3.49
N LEU A 263 0.76 40.02 2.24
CA LEU A 263 0.54 38.65 1.79
C LEU A 263 1.71 37.76 2.19
N GLY A 264 2.72 38.35 2.83
CA GLY A 264 3.86 37.57 3.26
C GLY A 264 5.18 37.72 2.53
N SER A 265 5.23 38.56 1.51
CA SER A 265 6.48 38.77 0.77
C SER A 265 7.54 39.38 1.69
N ASP A 266 8.81 39.05 1.43
CA ASP A 266 9.90 39.60 2.22
C ASP A 266 10.33 40.95 1.66
N GLY A 267 9.86 41.25 0.46
CA GLY A 267 10.22 42.51 -0.19
C GLY A 267 9.61 42.54 -1.59
N VAL A 268 9.95 43.55 -2.39
CA VAL A 268 9.39 43.64 -3.73
C VAL A 268 10.36 44.12 -4.79
N PHE A 269 10.12 43.68 -6.02
CA PHE A 269 10.90 44.09 -7.17
C PHE A 269 9.97 45.02 -7.92
N VAL A 270 10.50 46.14 -8.39
CA VAL A 270 9.72 47.09 -9.15
C VAL A 270 10.47 47.38 -10.43
N GLY A 271 9.83 47.14 -11.57
CA GLY A 271 10.49 47.37 -12.83
C GLY A 271 9.97 48.58 -13.56
N SER A 272 8.86 48.38 -14.27
CA SER A 272 8.25 49.45 -15.05
C SER A 272 7.49 50.47 -14.22
N GLY A 273 6.92 50.02 -13.10
CA GLY A 273 6.15 50.89 -12.23
C GLY A 273 6.73 52.23 -11.78
N ILE A 274 8.05 52.35 -11.79
CA ILE A 274 8.69 53.60 -11.36
C ILE A 274 9.10 54.53 -12.49
N PHE A 275 9.89 54.02 -13.42
CA PHE A 275 10.37 54.85 -14.53
C PHE A 275 9.41 55.00 -15.70
N LYS A 276 8.29 54.30 -15.65
CA LYS A 276 7.29 54.41 -16.70
C LYS A 276 6.13 55.24 -16.17
N SER A 277 6.38 55.94 -15.06
CA SER A 277 5.37 56.79 -14.44
C SER A 277 5.75 58.26 -14.62
N GLU A 278 4.91 59.15 -14.11
CA GLU A 278 5.14 60.59 -14.23
C GLU A 278 6.31 61.11 -13.40
N ASN A 279 6.29 60.85 -12.09
CA ASN A 279 7.35 61.33 -11.21
C ASN A 279 8.15 60.18 -10.61
N PRO A 280 9.13 59.65 -11.35
CA PRO A 280 9.98 58.53 -10.93
C PRO A 280 10.52 58.61 -9.49
N LEU A 281 11.35 59.61 -9.20
CA LEU A 281 11.93 59.74 -7.87
C LEU A 281 10.91 59.74 -6.75
N GLU A 282 9.89 60.59 -6.89
CA GLU A 282 8.85 60.70 -5.88
C GLU A 282 8.12 59.36 -5.74
N ARG A 283 7.77 58.76 -6.87
CA ARG A 283 7.08 57.47 -6.90
C ARG A 283 7.92 56.40 -6.21
N ALA A 284 9.22 56.34 -6.55
CA ALA A 284 10.13 55.36 -5.98
C ALA A 284 10.22 55.53 -4.46
N ARG A 285 10.28 56.78 -4.01
CA ARG A 285 10.36 57.07 -2.58
C ARG A 285 9.10 56.58 -1.86
N ALA A 286 7.95 56.77 -2.50
CA ALA A 286 6.68 56.37 -1.89
C ALA A 286 6.57 54.85 -1.78
N ILE A 287 7.03 54.14 -2.80
CA ILE A 287 6.95 52.69 -2.78
C ILE A 287 7.90 52.14 -1.72
N VAL A 288 9.05 52.78 -1.54
CA VAL A 288 10.02 52.35 -0.54
C VAL A 288 9.41 52.51 0.85
N GLU A 289 8.81 53.66 1.11
CA GLU A 289 8.20 53.89 2.42
C GLU A 289 7.00 53.00 2.70
N ALA A 290 6.21 52.72 1.66
CA ALA A 290 5.04 51.85 1.80
C ALA A 290 5.49 50.42 2.09
N THR A 291 6.62 50.01 1.53
CA THR A 291 7.16 48.67 1.75
C THR A 291 7.65 48.52 3.18
N TYR A 292 8.32 49.55 3.69
CA TYR A 292 8.82 49.54 5.06
C TYR A 292 7.71 49.70 6.08
N ASN A 293 6.62 50.36 5.68
CA ASN A 293 5.50 50.60 6.58
C ASN A 293 4.18 50.07 6.01
N TYR A 294 4.24 48.86 5.47
CA TYR A 294 3.09 48.22 4.86
C TYR A 294 1.90 48.04 5.80
N ASP A 295 2.14 48.09 7.09
CA ASP A 295 1.09 47.94 8.09
C ASP A 295 0.68 49.29 8.69
N LYS A 296 0.99 50.37 7.97
CA LYS A 296 0.67 51.72 8.42
C LYS A 296 -0.20 52.43 7.38
N PRO A 297 -1.52 52.21 7.41
CA PRO A 297 -2.46 52.82 6.46
C PRO A 297 -2.24 54.32 6.27
N ASP A 298 -2.05 55.05 7.35
CA ASP A 298 -1.83 56.50 7.27
C ASP A 298 -0.58 56.86 6.46
N ILE A 299 0.50 56.08 6.64
CA ILE A 299 1.72 56.33 5.88
C ILE A 299 1.50 56.00 4.41
N VAL A 300 0.89 54.85 4.15
CA VAL A 300 0.62 54.42 2.78
C VAL A 300 -0.25 55.45 2.06
N ALA A 301 -1.27 55.94 2.75
CA ALA A 301 -2.17 56.94 2.18
C ALA A 301 -1.40 58.23 1.89
N GLU A 302 -0.65 58.69 2.87
CA GLU A 302 0.14 59.90 2.76
C GLU A 302 1.06 59.93 1.55
N VAL A 303 1.91 58.90 1.41
CA VAL A 303 2.83 58.86 0.27
C VAL A 303 2.15 58.62 -1.07
N SER A 304 0.86 58.29 -1.04
CA SER A 304 0.12 58.06 -2.28
C SER A 304 -0.49 59.36 -2.82
N LYS A 305 -0.65 60.35 -1.96
CA LYS A 305 -1.24 61.62 -2.35
C LYS A 305 -0.37 62.41 -3.32
N ASN A 306 -1.00 62.87 -4.41
CA ASN A 306 -0.33 63.67 -5.44
C ASN A 306 0.90 63.04 -6.06
N LEU A 307 0.83 61.75 -6.37
CA LEU A 307 1.96 61.06 -6.99
C LEU A 307 2.00 61.27 -8.50
N GLY A 308 0.86 61.64 -9.08
CA GLY A 308 0.82 61.84 -10.52
C GLY A 308 0.42 60.55 -11.20
N GLU A 309 0.44 60.53 -12.53
CA GLU A 309 0.05 59.32 -13.27
C GLU A 309 1.00 58.15 -13.07
N ALA A 310 0.44 56.95 -13.10
CA ALA A 310 1.22 55.72 -12.96
C ALA A 310 1.30 55.07 -14.34
N MET A 311 1.75 53.81 -14.37
CA MET A 311 1.85 53.08 -15.63
C MET A 311 0.54 52.32 -15.85
N LYS A 312 0.44 51.63 -16.99
CA LYS A 312 -0.75 50.84 -17.31
C LYS A 312 -0.35 49.64 -18.19
N GLY A 313 -1.31 48.83 -18.59
CA GLY A 313 -1.00 47.68 -19.43
C GLY A 313 -1.91 46.47 -19.28
N MET B 15 -19.32 -9.97 30.00
CA MET B 15 -18.96 -10.23 28.57
C MET B 15 -17.65 -11.01 28.46
N VAL B 16 -17.60 -11.98 27.55
CA VAL B 16 -16.41 -12.78 27.35
C VAL B 16 -15.33 -11.88 26.77
N LYS B 17 -14.08 -12.17 27.09
CA LYS B 17 -12.96 -11.36 26.62
C LYS B 17 -11.91 -12.18 25.90
N HIS B 18 -11.85 -13.46 26.23
CA HIS B 18 -10.89 -14.40 25.63
C HIS B 18 -11.65 -15.69 25.38
N GLY B 19 -10.96 -16.70 24.86
CA GLY B 19 -11.60 -17.99 24.65
C GLY B 19 -12.29 -18.34 23.35
N VAL B 20 -13.02 -19.46 23.42
CA VAL B 20 -13.75 -19.99 22.29
C VAL B 20 -15.24 -20.04 22.58
N VAL B 21 -16.04 -19.49 21.66
CA VAL B 21 -17.49 -19.52 21.79
C VAL B 21 -17.94 -20.60 20.83
N MET B 22 -18.71 -21.56 21.31
CA MET B 22 -19.16 -22.65 20.46
C MET B 22 -20.66 -22.67 20.20
N ASP B 23 -21.03 -23.08 18.98
CA ASP B 23 -22.42 -23.18 18.59
C ASP B 23 -22.91 -24.55 19.04
N VAL B 24 -24.07 -24.58 19.70
CA VAL B 24 -24.65 -25.81 20.17
C VAL B 24 -26.12 -25.86 19.77
N THR B 25 -26.65 -27.06 19.48
CA THR B 25 -28.04 -27.19 19.09
C THR B 25 -28.89 -27.98 20.07
N ASN B 26 -28.27 -28.45 21.16
CA ASN B 26 -29.00 -29.20 22.16
C ASN B 26 -28.25 -29.22 23.49
N VAL B 27 -28.87 -29.78 24.51
CA VAL B 27 -28.27 -29.84 25.84
C VAL B 27 -26.98 -30.66 25.86
N GLU B 28 -26.95 -31.75 25.11
CA GLU B 28 -25.77 -32.59 25.06
C GLU B 28 -24.56 -31.84 24.49
N GLN B 29 -24.79 -31.08 23.43
CA GLN B 29 -23.72 -30.33 22.80
C GLN B 29 -23.27 -29.18 23.68
N ALA B 30 -24.22 -28.54 24.36
CA ALA B 30 -23.90 -27.43 25.24
C ALA B 30 -22.99 -27.91 26.36
N GLN B 31 -23.28 -29.11 26.89
CA GLN B 31 -22.48 -29.65 27.97
C GLN B 31 -21.11 -30.10 27.45
N ILE B 32 -21.08 -30.64 26.23
CA ILE B 32 -19.83 -31.06 25.63
C ILE B 32 -18.95 -29.81 25.52
N ALA B 33 -19.54 -28.74 25.01
CA ALA B 33 -18.82 -27.48 24.84
C ALA B 33 -18.21 -27.00 26.15
N GLU B 34 -19.01 -27.01 27.23
CA GLU B 34 -18.49 -26.57 28.52
C GLU B 34 -17.40 -27.52 29.02
N GLU B 35 -17.62 -28.82 28.83
CA GLU B 35 -16.65 -29.82 29.25
C GLU B 35 -15.32 -29.60 28.54
N ALA B 36 -15.41 -29.17 27.27
CA ALA B 36 -14.22 -28.93 26.45
C ALA B 36 -13.47 -27.67 26.87
N GLY B 37 -14.16 -26.72 27.49
CA GLY B 37 -13.51 -25.50 27.92
C GLY B 37 -14.03 -24.23 27.26
N ALA B 38 -15.15 -24.34 26.55
CA ALA B 38 -15.74 -23.18 25.90
C ALA B 38 -15.95 -22.07 26.92
N VAL B 39 -15.81 -20.83 26.48
CA VAL B 39 -16.00 -19.69 27.39
C VAL B 39 -17.49 -19.34 27.43
N ALA B 40 -18.22 -19.78 26.41
CA ALA B 40 -19.66 -19.54 26.30
C ALA B 40 -20.16 -20.37 25.13
N VAL B 41 -21.48 -20.48 25.01
CA VAL B 41 -22.06 -21.24 23.91
C VAL B 41 -23.03 -20.35 23.15
N MET B 42 -23.26 -20.71 21.88
CA MET B 42 -24.18 -19.99 21.02
C MET B 42 -25.32 -20.97 20.74
N ALA B 43 -26.46 -20.74 21.36
CA ALA B 43 -27.61 -21.63 21.19
C ALA B 43 -28.40 -21.35 19.91
N LEU B 44 -28.55 -22.37 19.09
CA LEU B 44 -29.30 -22.28 17.85
C LEU B 44 -29.79 -23.65 17.44
N GLU B 45 -30.86 -23.69 16.63
CA GLU B 45 -31.43 -24.95 16.19
C GLU B 45 -30.74 -25.55 14.96
N ARG B 46 -29.96 -24.74 14.25
CA ARG B 46 -29.26 -25.21 13.05
C ARG B 46 -27.84 -24.65 12.95
N VAL B 47 -26.87 -25.53 12.82
CA VAL B 47 -25.47 -25.09 12.70
C VAL B 47 -25.36 -24.34 11.36
N PRO B 48 -24.50 -23.32 11.29
CA PRO B 48 -24.32 -22.54 10.06
C PRO B 48 -24.11 -23.36 8.79
N ALA B 49 -23.29 -24.40 8.87
CA ALA B 49 -23.02 -25.27 7.73
C ALA B 49 -24.30 -25.93 7.20
N ASP B 50 -25.19 -26.28 8.12
CA ASP B 50 -26.46 -26.91 7.76
C ASP B 50 -27.49 -25.86 7.34
N ILE B 51 -27.23 -24.60 7.68
CA ILE B 51 -28.12 -23.52 7.32
C ILE B 51 -27.91 -23.14 5.86
N ARG B 52 -26.66 -23.16 5.42
CA ARG B 52 -26.31 -22.83 4.04
C ARG B 52 -26.84 -23.88 3.07
N ALA B 53 -26.75 -25.14 3.49
CA ALA B 53 -27.22 -26.25 2.66
C ALA B 53 -28.74 -26.34 2.68
N ALA B 54 -29.30 -26.48 3.88
CA ALA B 54 -30.75 -26.58 4.05
C ALA B 54 -31.48 -25.49 3.28
N GLY B 55 -31.06 -24.24 3.50
CA GLY B 55 -31.71 -23.13 2.85
C GLY B 55 -32.90 -22.66 3.66
N GLY B 56 -34.04 -22.49 3.01
CA GLY B 56 -35.24 -22.04 3.71
C GLY B 56 -34.99 -20.78 4.52
N VAL B 57 -35.94 -20.42 5.38
CA VAL B 57 -35.79 -19.22 6.20
C VAL B 57 -35.29 -19.58 7.60
N ALA B 58 -34.08 -19.12 7.93
CA ALA B 58 -33.49 -19.38 9.24
C ALA B 58 -33.88 -18.24 10.17
N ARG B 59 -34.57 -18.59 11.26
CA ARG B 59 -35.04 -17.60 12.22
C ARG B 59 -34.49 -17.83 13.63
N MET B 60 -34.96 -17.00 14.56
CA MET B 60 -34.58 -17.12 15.96
C MET B 60 -35.02 -18.51 16.42
N SER B 61 -34.23 -19.14 17.28
CA SER B 61 -34.55 -20.48 17.77
C SER B 61 -35.69 -20.43 18.77
N ASP B 62 -36.36 -21.56 18.98
CA ASP B 62 -37.45 -21.63 19.94
C ASP B 62 -36.90 -21.28 21.31
N PRO B 63 -37.53 -20.31 21.99
CA PRO B 63 -37.13 -19.86 23.33
C PRO B 63 -36.99 -21.00 24.32
N ALA B 64 -37.81 -22.04 24.14
CA ALA B 64 -37.78 -23.20 25.02
C ALA B 64 -36.46 -23.95 24.90
N LEU B 65 -35.93 -24.02 23.68
CA LEU B 65 -34.66 -24.71 23.47
C LEU B 65 -33.54 -23.92 24.12
N ILE B 66 -33.57 -22.60 23.94
CA ILE B 66 -32.56 -21.73 24.52
C ILE B 66 -32.54 -21.82 26.03
N GLU B 67 -33.73 -21.79 26.64
CA GLU B 67 -33.81 -21.87 28.09
C GLU B 67 -33.29 -23.21 28.62
N GLU B 68 -33.58 -24.29 27.89
CA GLU B 68 -33.11 -25.61 28.29
C GLU B 68 -31.59 -25.62 28.32
N ILE B 69 -30.98 -24.94 27.35
CA ILE B 69 -29.53 -24.85 27.26
C ILE B 69 -28.99 -24.00 28.41
N MET B 70 -29.69 -22.90 28.70
CA MET B 70 -29.29 -22.01 29.79
C MET B 70 -29.25 -22.77 31.12
N ASP B 71 -30.21 -23.66 31.34
CA ASP B 71 -30.26 -24.44 32.57
C ASP B 71 -29.24 -25.57 32.60
N ALA B 72 -28.79 -26.01 31.43
CA ALA B 72 -27.82 -27.11 31.35
C ALA B 72 -26.34 -26.75 31.53
N VAL B 73 -26.00 -25.47 31.51
CA VAL B 73 -24.60 -25.07 31.66
C VAL B 73 -24.37 -23.95 32.65
N SER B 74 -23.12 -23.80 33.08
CA SER B 74 -22.77 -22.75 34.04
C SER B 74 -21.93 -21.66 33.40
N ILE B 75 -22.01 -21.55 32.07
CA ILE B 75 -21.29 -20.51 31.35
C ILE B 75 -22.32 -19.71 30.57
N PRO B 76 -21.96 -18.49 30.14
CA PRO B 76 -22.87 -17.62 29.38
C PRO B 76 -23.47 -18.27 28.13
N VAL B 77 -24.72 -17.93 27.85
CA VAL B 77 -25.40 -18.45 26.67
C VAL B 77 -25.81 -17.30 25.75
N MET B 78 -25.47 -17.45 24.47
CA MET B 78 -25.80 -16.44 23.47
C MET B 78 -26.82 -17.02 22.53
N ALA B 79 -27.57 -16.16 21.85
CA ALA B 79 -28.57 -16.58 20.89
C ALA B 79 -28.59 -15.58 19.75
N LYS B 80 -28.91 -16.02 18.54
CA LYS B 80 -28.95 -15.09 17.45
C LYS B 80 -30.34 -14.75 16.97
N CYS B 81 -30.45 -13.57 16.38
CA CYS B 81 -31.71 -13.09 15.83
C CYS B 81 -31.37 -12.59 14.45
N ARG B 82 -32.40 -12.44 13.62
CA ARG B 82 -32.22 -11.97 12.27
C ARG B 82 -31.87 -10.48 12.28
N ILE B 83 -31.07 -10.07 11.30
CA ILE B 83 -30.67 -8.68 11.19
C ILE B 83 -31.91 -7.80 11.07
N GLY B 84 -31.98 -6.77 11.90
CA GLY B 84 -33.12 -5.86 11.88
C GLY B 84 -34.35 -6.35 12.63
N HIS B 85 -34.39 -7.61 13.03
CA HIS B 85 -35.57 -8.13 13.73
C HIS B 85 -35.55 -7.74 15.21
N THR B 86 -36.02 -6.52 15.49
CA THR B 86 -36.00 -6.04 16.87
C THR B 86 -36.95 -6.78 17.83
N THR B 87 -38.03 -7.36 17.33
CA THR B 87 -38.91 -8.10 18.24
C THR B 87 -38.31 -9.47 18.59
N GLU B 88 -37.56 -10.08 17.67
CA GLU B 88 -36.90 -11.35 17.99
C GLU B 88 -35.90 -11.05 19.10
N ALA B 89 -35.19 -9.92 18.96
CA ALA B 89 -34.21 -9.51 19.95
C ALA B 89 -34.85 -9.21 21.31
N LEU B 90 -36.02 -8.58 21.31
CA LEU B 90 -36.71 -8.26 22.55
C LEU B 90 -37.14 -9.54 23.27
N VAL B 91 -37.40 -10.58 22.49
CA VAL B 91 -37.79 -11.87 23.04
C VAL B 91 -36.59 -12.54 23.71
N LEU B 92 -35.44 -12.48 23.04
CA LEU B 92 -34.23 -13.09 23.57
C LEU B 92 -33.83 -12.39 24.86
N GLU B 93 -34.02 -11.07 24.88
CA GLU B 93 -33.69 -10.29 26.06
C GLU B 93 -34.65 -10.64 27.20
N ALA B 94 -35.93 -10.79 26.89
CA ALA B 94 -36.93 -11.12 27.89
C ALA B 94 -36.68 -12.47 28.57
N ILE B 95 -36.21 -13.46 27.81
CA ILE B 95 -35.94 -14.76 28.40
C ILE B 95 -34.59 -14.79 29.10
N GLY B 96 -33.87 -13.67 29.03
CA GLY B 96 -32.59 -13.56 29.70
C GLY B 96 -31.29 -14.10 29.11
N VAL B 97 -31.14 -14.11 27.77
CA VAL B 97 -29.88 -14.61 27.22
C VAL B 97 -28.80 -13.61 27.63
N ASP B 98 -27.56 -14.06 27.70
CA ASP B 98 -26.47 -13.18 28.11
C ASP B 98 -26.01 -12.21 27.03
N MET B 99 -26.18 -12.59 25.77
CA MET B 99 -25.79 -11.72 24.66
C MET B 99 -26.54 -12.12 23.41
N ILE B 100 -26.97 -11.13 22.63
CA ILE B 100 -27.70 -11.40 21.40
C ILE B 100 -26.76 -11.21 20.23
N ASP B 101 -26.81 -12.13 19.28
CA ASP B 101 -25.98 -12.03 18.10
C ASP B 101 -26.84 -11.76 16.86
N GLU B 102 -26.81 -10.52 16.38
CA GLU B 102 -27.55 -10.11 15.19
C GLU B 102 -26.65 -10.59 14.06
N SER B 103 -26.97 -11.73 13.47
CA SER B 103 -26.10 -12.27 12.43
C SER B 103 -26.68 -12.52 11.05
N GLU B 104 -25.79 -12.42 10.07
CA GLU B 104 -26.10 -12.64 8.68
C GLU B 104 -26.22 -14.13 8.41
N VAL B 105 -25.94 -14.93 9.44
CA VAL B 105 -26.04 -16.38 9.33
C VAL B 105 -27.52 -16.71 9.10
N LEU B 106 -28.39 -15.95 9.79
CA LEU B 106 -29.83 -16.15 9.64
C LEU B 106 -30.34 -15.30 8.47
N THR B 107 -31.60 -15.49 8.11
CA THR B 107 -32.21 -14.74 7.01
C THR B 107 -32.52 -13.30 7.44
N GLN B 108 -31.90 -12.34 6.77
CA GLN B 108 -32.11 -10.93 7.11
C GLN B 108 -33.60 -10.58 7.10
N ALA B 109 -34.03 -9.81 8.10
CA ALA B 109 -35.44 -9.43 8.23
C ALA B 109 -35.73 -8.01 7.74
N ASP B 110 -34.77 -7.11 7.93
CA ASP B 110 -34.90 -5.73 7.50
C ASP B 110 -33.75 -5.51 6.53
N PRO B 111 -34.07 -5.20 5.26
CA PRO B 111 -33.02 -4.99 4.25
C PRO B 111 -32.35 -3.61 4.30
N PHE B 112 -32.91 -2.70 5.07
CA PHE B 112 -32.35 -1.35 5.16
C PHE B 112 -31.59 -1.04 6.44
N PHE B 113 -32.11 -1.47 7.58
CA PHE B 113 -31.45 -1.14 8.84
C PHE B 113 -31.22 -2.29 9.82
N HIS B 114 -30.16 -2.15 10.60
CA HIS B 114 -29.84 -3.12 11.65
C HIS B 114 -30.58 -2.63 12.88
N ILE B 115 -30.67 -3.47 13.90
CA ILE B 115 -31.35 -3.11 15.15
C ILE B 115 -30.63 -1.96 15.85
N TYR B 116 -31.38 -1.06 16.47
CA TYR B 116 -30.76 0.03 17.22
C TYR B 116 -30.50 -0.58 18.61
N LYS B 117 -29.33 -1.21 18.72
CA LYS B 117 -28.91 -1.90 19.93
C LYS B 117 -28.71 -1.08 21.20
N LYS B 118 -28.49 0.22 21.06
CA LYS B 118 -28.30 1.07 22.23
C LYS B 118 -29.49 1.14 23.19
N LYS B 119 -30.70 0.93 22.70
CA LYS B 119 -31.86 1.01 23.58
C LYS B 119 -32.12 -0.28 24.37
N PHE B 120 -31.32 -1.31 24.12
CA PHE B 120 -31.48 -2.59 24.81
C PHE B 120 -30.58 -2.64 26.05
N ASN B 121 -30.88 -3.55 26.97
CA ASN B 121 -30.06 -3.71 28.17
C ASN B 121 -29.02 -4.80 27.93
N VAL B 122 -29.45 -5.87 27.28
CA VAL B 122 -28.56 -6.99 26.97
C VAL B 122 -27.55 -6.57 25.90
N PRO B 123 -26.31 -7.09 25.99
CA PRO B 123 -25.28 -6.73 25.00
C PRO B 123 -25.46 -7.46 23.66
N PHE B 124 -24.99 -6.85 22.59
CA PHE B 124 -25.08 -7.44 21.25
C PHE B 124 -23.70 -7.66 20.66
N VAL B 125 -23.57 -8.70 19.85
CA VAL B 125 -22.34 -8.94 19.13
C VAL B 125 -22.79 -8.85 17.67
N CYS B 126 -22.04 -8.14 16.85
CA CYS B 126 -22.38 -7.99 15.43
C CYS B 126 -21.21 -8.39 14.53
N GLY B 127 -21.54 -8.88 13.34
CA GLY B 127 -20.51 -9.26 12.40
C GLY B 127 -20.04 -8.04 11.63
N ALA B 128 -18.83 -8.11 11.08
CA ALA B 128 -18.28 -7.01 10.30
C ALA B 128 -17.24 -7.57 9.36
N ARG B 129 -17.27 -7.11 8.11
CA ARG B 129 -16.33 -7.58 7.12
C ARG B 129 -15.21 -6.58 6.90
N ASN B 130 -15.41 -5.36 7.38
CA ASN B 130 -14.41 -4.30 7.23
C ASN B 130 -14.64 -3.20 8.27
N LEU B 131 -13.73 -2.23 8.31
CA LEU B 131 -13.82 -1.15 9.29
C LEU B 131 -15.12 -0.35 9.23
N GLY B 132 -15.60 -0.06 8.03
CA GLY B 132 -16.84 0.69 7.90
C GLY B 132 -18.01 0.00 8.58
N GLU B 133 -18.14 -1.30 8.36
CA GLU B 133 -19.21 -2.08 8.97
C GLU B 133 -19.06 -2.11 10.50
N ALA B 134 -17.84 -2.29 10.96
CA ALA B 134 -17.55 -2.35 12.39
C ALA B 134 -17.93 -1.04 13.08
N VAL B 135 -17.53 0.07 12.46
CA VAL B 135 -17.83 1.38 13.03
C VAL B 135 -19.33 1.60 13.07
N ARG B 136 -20.02 1.24 11.99
CA ARG B 136 -21.47 1.41 11.96
C ARG B 136 -22.17 0.52 12.99
N ARG B 137 -21.73 -0.72 13.14
CA ARG B 137 -22.35 -1.62 14.11
C ARG B 137 -22.08 -1.10 15.54
N ILE B 138 -20.87 -0.62 15.77
CA ILE B 138 -20.51 -0.09 17.08
C ILE B 138 -21.32 1.15 17.43
N TRP B 139 -21.51 2.05 16.46
CA TRP B 139 -22.28 3.26 16.69
C TRP B 139 -23.75 2.94 16.98
N GLU B 140 -24.28 1.89 16.37
CA GLU B 140 -25.67 1.56 16.64
C GLU B 140 -25.82 0.80 17.96
N GLY B 141 -24.70 0.51 18.63
CA GLY B 141 -24.79 -0.16 19.92
C GLY B 141 -24.05 -1.46 20.19
N ALA B 142 -23.45 -2.08 19.17
CA ALA B 142 -22.73 -3.33 19.37
C ALA B 142 -21.68 -3.24 20.48
N ALA B 143 -21.66 -4.24 21.36
CA ALA B 143 -20.71 -4.29 22.48
C ALA B 143 -19.55 -5.22 22.17
N MET B 144 -19.68 -5.97 21.09
CA MET B 144 -18.67 -6.93 20.67
C MET B 144 -18.76 -7.07 19.16
N ILE B 145 -17.61 -7.27 18.51
CA ILE B 145 -17.58 -7.42 17.06
C ILE B 145 -17.06 -8.77 16.65
N ARG B 146 -17.67 -9.30 15.61
CA ARG B 146 -17.29 -10.59 15.06
C ARG B 146 -16.76 -10.34 13.64
N THR B 147 -15.45 -10.32 13.49
CA THR B 147 -14.84 -10.11 12.18
C THR B 147 -15.04 -11.44 11.48
N LYS B 148 -16.13 -11.52 10.74
CA LYS B 148 -16.52 -12.74 10.06
C LYS B 148 -16.17 -12.79 8.60
N GLY B 149 -16.15 -14.02 8.09
CA GLY B 149 -15.87 -14.23 6.70
C GLY B 149 -17.06 -14.96 6.10
N GLU B 150 -17.01 -16.29 6.15
CA GLU B 150 -18.09 -17.10 5.61
C GLU B 150 -18.33 -18.31 6.51
N ALA B 151 -19.39 -18.23 7.30
CA ALA B 151 -19.75 -19.31 8.21
C ALA B 151 -20.22 -20.52 7.43
N GLY B 152 -19.98 -21.71 7.97
CA GLY B 152 -20.40 -22.93 7.33
C GLY B 152 -19.50 -23.53 6.26
N THR B 153 -18.48 -22.80 5.82
CA THR B 153 -17.59 -23.30 4.78
C THR B 153 -16.40 -24.11 5.28
N GLY B 154 -15.97 -23.85 6.51
CA GLY B 154 -14.82 -24.57 7.06
C GLY B 154 -13.53 -24.07 6.44
N ASN B 155 -13.65 -23.00 5.65
CA ASN B 155 -12.51 -22.41 4.98
C ASN B 155 -12.11 -21.15 5.74
N ILE B 156 -10.92 -21.16 6.34
CA ILE B 156 -10.44 -20.04 7.13
C ILE B 156 -10.09 -18.76 6.33
N VAL B 157 -9.98 -18.88 5.01
CA VAL B 157 -9.60 -17.72 4.18
C VAL B 157 -10.52 -16.51 4.34
N GLU B 158 -11.82 -16.75 4.48
CA GLU B 158 -12.75 -15.63 4.61
C GLU B 158 -12.51 -14.88 5.91
N ALA B 159 -12.25 -15.60 6.99
CA ALA B 159 -11.98 -14.97 8.27
C ALA B 159 -10.66 -14.19 8.16
N VAL B 160 -9.69 -14.78 7.47
CA VAL B 160 -8.39 -14.15 7.30
C VAL B 160 -8.48 -12.90 6.44
N ARG B 161 -9.21 -12.99 5.33
CA ARG B 161 -9.35 -11.84 4.45
C ARG B 161 -9.87 -10.64 5.20
N HIS B 162 -10.93 -10.85 5.98
CA HIS B 162 -11.52 -9.75 6.70
C HIS B 162 -10.70 -9.21 7.86
N MET B 163 -9.97 -10.09 8.55
CA MET B 163 -9.13 -9.60 9.64
C MET B 163 -8.00 -8.76 9.01
N ARG B 164 -7.52 -9.19 7.84
CA ARG B 164 -6.46 -8.45 7.15
C ARG B 164 -6.99 -7.07 6.76
N LEU B 165 -8.18 -7.04 6.18
CA LEU B 165 -8.82 -5.79 5.77
C LEU B 165 -9.01 -4.87 6.97
N MET B 166 -9.41 -5.46 8.09
CA MET B 166 -9.65 -4.70 9.32
C MET B 166 -8.36 -4.10 9.86
N ASN B 167 -7.31 -4.92 9.96
CA ASN B 167 -6.01 -4.45 10.47
C ASN B 167 -5.39 -3.37 9.60
N GLU B 168 -5.43 -3.56 8.28
CA GLU B 168 -4.85 -2.58 7.36
C GLU B 168 -5.61 -1.25 7.42
N ALA B 169 -6.94 -1.31 7.49
CA ALA B 169 -7.74 -0.10 7.56
C ALA B 169 -7.41 0.70 8.83
N ILE B 170 -7.24 0.01 9.94
CA ILE B 170 -6.92 0.68 11.19
C ILE B 170 -5.51 1.25 11.18
N ALA B 171 -4.59 0.52 10.54
CA ALA B 171 -3.21 0.99 10.45
C ALA B 171 -3.16 2.29 9.61
N GLN B 172 -3.97 2.35 8.55
CA GLN B 172 -4.01 3.54 7.70
C GLN B 172 -4.74 4.71 8.38
N LEU B 173 -5.72 4.39 9.21
CA LEU B 173 -6.48 5.41 9.93
C LEU B 173 -5.58 6.14 10.93
N GLN B 174 -4.66 5.40 11.55
CA GLN B 174 -3.75 5.99 12.54
C GLN B 174 -2.78 7.00 11.95
N ARG B 175 -2.64 7.00 10.63
CA ARG B 175 -1.73 7.93 9.96
C ARG B 175 -2.46 9.19 9.49
N MET B 176 -3.76 9.25 9.73
CA MET B 176 -4.55 10.40 9.31
C MET B 176 -4.74 11.47 10.37
N THR B 177 -5.00 12.70 9.93
CA THR B 177 -5.28 13.80 10.82
C THR B 177 -6.76 13.65 11.14
N ASP B 178 -7.24 14.32 12.17
CA ASP B 178 -8.65 14.22 12.53
C ASP B 178 -9.55 14.68 11.38
N GLU B 179 -9.11 15.70 10.66
CA GLU B 179 -9.88 16.21 9.54
C GLU B 179 -10.05 15.15 8.46
N GLU B 180 -9.01 14.33 8.25
CA GLU B 180 -9.10 13.27 7.26
C GLU B 180 -9.98 12.15 7.80
N VAL B 181 -9.94 11.92 9.11
CA VAL B 181 -10.76 10.88 9.73
C VAL B 181 -12.23 11.26 9.58
N TYR B 182 -12.53 12.55 9.68
CA TYR B 182 -13.91 13.01 9.53
C TYR B 182 -14.37 12.68 8.11
N GLY B 183 -13.47 12.85 7.15
CA GLY B 183 -13.79 12.55 5.77
C GLY B 183 -14.16 11.08 5.58
N VAL B 184 -13.55 10.21 6.38
CA VAL B 184 -13.83 8.79 6.31
C VAL B 184 -15.20 8.54 6.95
N ALA B 185 -15.45 9.21 8.06
CA ALA B 185 -16.73 9.11 8.76
C ALA B 185 -17.86 9.52 7.83
N LYS B 186 -17.66 10.62 7.09
CA LYS B 186 -18.65 11.11 6.15
C LYS B 186 -18.93 10.05 5.09
N PHE B 187 -17.87 9.41 4.60
CA PHE B 187 -18.03 8.38 3.59
C PHE B 187 -18.81 7.17 4.13
N TYR B 188 -18.46 6.72 5.33
CA TYR B 188 -19.13 5.57 5.94
C TYR B 188 -20.60 5.82 6.26
N ALA B 189 -20.95 7.09 6.48
CA ALA B 189 -22.33 7.45 6.82
C ALA B 189 -23.34 7.32 5.69
N ASN B 190 -22.87 7.41 4.45
CA ASN B 190 -23.75 7.34 3.28
C ASN B 190 -24.65 6.12 3.19
N ARG B 191 -24.19 4.99 3.73
CA ARG B 191 -24.96 3.76 3.66
C ARG B 191 -26.34 3.92 4.31
N TYR B 192 -26.44 4.79 5.30
CA TYR B 192 -27.70 5.02 6.02
C TYR B 192 -28.77 5.77 5.22
N ALA B 193 -28.36 6.48 4.17
CA ALA B 193 -29.30 7.25 3.38
C ALA B 193 -29.85 6.51 2.16
N GLU B 194 -29.50 5.23 2.03
CA GLU B 194 -29.94 4.42 0.91
C GLU B 194 -31.46 4.38 0.77
N LEU B 195 -32.16 4.16 1.88
CA LEU B 195 -33.62 4.11 1.83
C LEU B 195 -34.22 5.46 1.41
N ALA B 196 -33.74 6.54 2.01
CA ALA B 196 -34.25 7.87 1.69
C ALA B 196 -34.09 8.22 0.20
N LYS B 197 -32.95 7.86 -0.38
CA LYS B 197 -32.69 8.14 -1.80
C LYS B 197 -33.58 7.28 -2.70
N THR B 198 -33.74 6.00 -2.34
CA THR B 198 -34.58 5.08 -3.10
C THR B 198 -36.01 5.62 -3.15
N VAL B 199 -36.52 6.00 -2.00
CA VAL B 199 -37.87 6.52 -1.89
C VAL B 199 -38.07 7.81 -2.69
N ARG B 200 -37.08 8.71 -2.64
CA ARG B 200 -37.21 9.97 -3.35
C ARG B 200 -37.27 9.73 -4.86
N GLU B 201 -36.51 8.75 -5.31
CA GLU B 201 -36.49 8.39 -6.71
C GLU B 201 -37.86 7.81 -7.08
N GLY B 202 -38.42 7.02 -6.17
CA GLY B 202 -39.73 6.42 -6.40
C GLY B 202 -40.83 7.47 -6.48
N MET B 203 -40.56 8.65 -5.94
CA MET B 203 -41.52 9.74 -5.96
C MET B 203 -41.25 10.67 -7.14
N GLY B 204 -40.35 10.25 -8.03
CA GLY B 204 -40.03 11.03 -9.21
C GLY B 204 -39.01 12.15 -9.06
N LEU B 205 -38.22 12.11 -7.99
CA LEU B 205 -37.22 13.14 -7.75
C LEU B 205 -35.81 12.57 -7.72
N PRO B 206 -34.77 13.43 -7.78
CA PRO B 206 -33.37 12.97 -7.76
C PRO B 206 -33.07 12.11 -6.53
N ALA B 207 -32.22 11.11 -6.71
CA ALA B 207 -31.85 10.21 -5.62
C ALA B 207 -30.79 10.86 -4.74
N THR B 208 -31.20 11.91 -4.04
CA THR B 208 -30.30 12.65 -3.16
C THR B 208 -31.01 12.90 -1.83
N VAL B 209 -30.26 13.37 -0.84
CA VAL B 209 -30.83 13.66 0.47
C VAL B 209 -30.20 14.92 1.05
N LEU B 210 -30.94 15.55 1.96
CA LEU B 210 -30.47 16.73 2.66
C LEU B 210 -29.80 16.17 3.92
N GLU B 211 -28.64 16.69 4.28
CA GLU B 211 -27.95 16.16 5.45
C GLU B 211 -28.63 16.42 6.78
N ASN B 212 -29.61 17.32 6.82
CA ASN B 212 -30.28 17.61 8.08
C ASN B 212 -31.68 17.01 8.26
N GLU B 213 -32.00 15.98 7.48
CA GLU B 213 -33.29 15.31 7.58
C GLU B 213 -33.08 13.95 8.24
N PRO B 214 -34.01 13.53 9.12
CA PRO B 214 -33.95 12.24 9.83
C PRO B 214 -33.94 11.05 8.88
N ILE B 215 -33.08 10.08 9.13
CA ILE B 215 -33.04 8.89 8.28
C ILE B 215 -32.92 7.59 9.07
N TYR B 216 -32.37 7.66 10.28
CA TYR B 216 -32.22 6.47 11.12
C TYR B 216 -32.41 6.80 12.60
N GLU B 217 -33.44 6.22 13.21
CA GLU B 217 -33.75 6.43 14.62
C GLU B 217 -33.79 7.92 14.98
N GLY B 218 -34.32 8.74 14.09
CA GLY B 218 -34.39 10.17 14.36
C GLY B 218 -33.09 10.93 14.13
N PHE B 219 -32.01 10.24 13.83
CA PHE B 219 -30.72 10.89 13.58
C PHE B 219 -30.63 11.36 12.13
N THR B 220 -30.09 12.56 11.93
CA THR B 220 -29.92 13.07 10.57
C THR B 220 -28.59 12.54 10.04
N LEU B 221 -28.36 12.66 8.74
CA LEU B 221 -27.10 12.20 8.16
C LEU B 221 -25.96 12.92 8.87
N ALA B 222 -26.12 14.22 9.11
CA ALA B 222 -25.09 15.01 9.77
C ALA B 222 -24.75 14.50 11.16
N GLU B 223 -25.76 14.08 11.92
CA GLU B 223 -25.54 13.58 13.27
C GLU B 223 -24.90 12.19 13.20
N ILE B 224 -25.29 11.41 12.20
CA ILE B 224 -24.70 10.08 12.06
C ILE B 224 -23.21 10.21 11.77
N ILE B 225 -22.85 11.17 10.93
CA ILE B 225 -21.45 11.41 10.58
C ILE B 225 -20.66 11.73 11.84
N ASP B 226 -21.17 12.65 12.67
CA ASP B 226 -20.46 13.01 13.90
C ASP B 226 -20.34 11.80 14.80
N GLY B 227 -21.36 10.94 14.75
CA GLY B 227 -21.36 9.73 15.55
C GLY B 227 -20.29 8.75 15.10
N LEU B 228 -20.20 8.50 13.80
CA LEU B 228 -19.19 7.57 13.29
C LEU B 228 -17.81 8.17 13.51
N TYR B 229 -17.73 9.48 13.40
CA TYR B 229 -16.48 10.19 13.59
C TYR B 229 -15.93 9.97 15.00
N GLU B 230 -16.80 10.03 16.01
CA GLU B 230 -16.35 9.81 17.39
C GLU B 230 -15.86 8.39 17.60
N VAL B 231 -16.48 7.42 16.92
CA VAL B 231 -16.05 6.03 17.05
C VAL B 231 -14.68 5.85 16.38
N LEU B 232 -14.50 6.46 15.21
CA LEU B 232 -13.24 6.37 14.47
C LEU B 232 -12.09 7.00 15.27
N LEU B 233 -12.37 8.07 16.01
CA LEU B 233 -11.33 8.69 16.82
C LEU B 233 -10.88 7.73 17.92
N GLU B 234 -11.81 6.91 18.43
CA GLU B 234 -11.47 5.92 19.46
C GLU B 234 -10.57 4.88 18.82
N VAL B 235 -10.95 4.41 17.65
CA VAL B 235 -10.18 3.41 16.93
C VAL B 235 -8.77 3.92 16.68
N LYS B 236 -8.67 5.16 16.19
CA LYS B 236 -7.38 5.78 15.90
C LYS B 236 -6.49 5.82 17.16
N LYS B 237 -7.07 6.25 18.27
CA LYS B 237 -6.34 6.34 19.53
C LYS B 237 -5.91 4.99 20.08
N LEU B 238 -6.79 4.00 19.97
CA LEU B 238 -6.51 2.66 20.48
C LEU B 238 -5.68 1.81 19.54
N GLY B 239 -5.78 2.04 18.24
CA GLY B 239 -5.05 1.25 17.29
C GLY B 239 -5.77 -0.07 17.11
N ARG B 240 -7.04 -0.09 17.52
CA ARG B 240 -7.88 -1.29 17.42
C ARG B 240 -9.33 -0.88 17.69
N LEU B 241 -10.26 -1.83 17.54
CA LEU B 241 -11.67 -1.53 17.79
C LEU B 241 -11.85 -1.33 19.29
N PRO B 242 -12.73 -0.39 19.69
CA PRO B 242 -13.00 -0.11 21.11
C PRO B 242 -13.87 -1.14 21.82
N VAL B 243 -14.12 -2.26 21.17
CA VAL B 243 -14.92 -3.33 21.76
C VAL B 243 -14.21 -4.65 21.50
N VAL B 244 -14.58 -5.67 22.25
CA VAL B 244 -13.99 -7.00 22.08
C VAL B 244 -14.23 -7.44 20.64
N ASN B 245 -13.21 -8.03 20.02
CA ASN B 245 -13.30 -8.46 18.63
C ASN B 245 -12.82 -9.89 18.41
N PHE B 246 -13.78 -10.79 18.14
CA PHE B 246 -13.49 -12.20 17.90
C PHE B 246 -13.53 -12.53 16.40
N ALA B 247 -12.77 -13.53 15.99
CA ALA B 247 -12.78 -13.96 14.60
C ALA B 247 -13.82 -15.07 14.50
N ALA B 248 -14.48 -15.19 13.37
CA ALA B 248 -15.49 -16.22 13.19
C ALA B 248 -15.62 -16.68 11.75
N GLY B 249 -16.23 -17.85 11.58
CA GLY B 249 -16.43 -18.40 10.25
C GLY B 249 -15.20 -19.02 9.61
N GLY B 250 -15.22 -20.35 9.49
CA GLY B 250 -14.11 -21.05 8.87
C GLY B 250 -13.15 -21.77 9.80
N VAL B 251 -13.22 -21.49 11.10
CA VAL B 251 -12.31 -22.17 12.04
C VAL B 251 -12.66 -23.64 12.14
N ALA B 252 -11.83 -24.48 11.55
CA ALA B 252 -12.09 -25.92 11.58
C ALA B 252 -11.02 -26.73 12.31
N THR B 253 -9.84 -26.16 12.44
CA THR B 253 -8.72 -26.86 13.10
C THR B 253 -8.05 -26.03 14.18
N PRO B 254 -7.28 -26.68 15.06
CA PRO B 254 -6.58 -25.98 16.13
C PRO B 254 -5.63 -24.93 15.52
N ALA B 255 -5.02 -25.24 14.38
CA ALA B 255 -4.12 -24.31 13.72
C ALA B 255 -4.89 -23.08 13.23
N ASP B 256 -6.11 -23.27 12.74
CA ASP B 256 -6.92 -22.13 12.27
C ASP B 256 -7.16 -21.15 13.42
N ALA B 257 -7.55 -21.70 14.57
CA ALA B 257 -7.81 -20.88 15.75
C ALA B 257 -6.55 -20.09 16.12
N ALA B 258 -5.42 -20.77 16.20
CA ALA B 258 -4.15 -20.12 16.54
C ALA B 258 -3.77 -19.05 15.51
N LEU B 259 -4.11 -19.29 14.25
CA LEU B 259 -3.81 -18.34 13.18
C LEU B 259 -4.57 -17.02 13.41
N MET B 260 -5.85 -17.13 13.75
CA MET B 260 -6.66 -15.94 13.99
C MET B 260 -6.11 -15.14 15.17
N MET B 261 -5.68 -15.84 16.22
CA MET B 261 -5.14 -15.16 17.40
C MET B 261 -3.84 -14.42 17.03
N GLN B 262 -3.02 -15.03 16.18
CA GLN B 262 -1.78 -14.38 15.77
C GLN B 262 -2.07 -13.14 14.93
N LEU B 263 -3.24 -13.12 14.29
CA LEU B 263 -3.64 -11.99 13.47
C LEU B 263 -4.24 -10.86 14.31
N GLY B 264 -4.37 -11.09 15.61
CA GLY B 264 -4.91 -10.06 16.48
C GLY B 264 -6.29 -10.27 17.08
N SER B 265 -6.92 -11.40 16.80
CA SER B 265 -8.25 -11.67 17.35
C SER B 265 -8.18 -11.80 18.87
N ASP B 266 -9.26 -11.42 19.54
CA ASP B 266 -9.33 -11.52 20.99
C ASP B 266 -9.80 -12.93 21.35
N GLY B 267 -10.38 -13.60 20.38
CA GLY B 267 -10.88 -14.95 20.60
C GLY B 267 -11.53 -15.46 19.33
N VAL B 268 -12.16 -16.62 19.40
CA VAL B 268 -12.80 -17.19 18.21
C VAL B 268 -14.16 -17.81 18.45
N PHE B 269 -14.97 -17.80 17.41
CA PHE B 269 -16.31 -18.40 17.43
C PHE B 269 -16.15 -19.65 16.58
N VAL B 270 -16.74 -20.75 17.00
CA VAL B 270 -16.68 -21.98 16.24
C VAL B 270 -18.06 -22.59 16.14
N GLY B 271 -18.52 -22.86 14.93
CA GLY B 271 -19.84 -23.43 14.76
C GLY B 271 -19.79 -24.84 14.22
N SER B 272 -19.57 -24.93 12.90
CA SER B 272 -19.53 -26.21 12.21
C SER B 272 -18.27 -27.03 12.51
N GLY B 273 -17.14 -26.35 12.59
CA GLY B 273 -15.87 -27.03 12.84
C GLY B 273 -15.80 -28.09 13.93
N ILE B 274 -16.57 -27.91 15.01
CA ILE B 274 -16.55 -28.87 16.10
C ILE B 274 -17.51 -30.04 15.98
N PHE B 275 -18.81 -29.75 15.98
CA PHE B 275 -19.80 -30.82 15.91
C PHE B 275 -19.98 -31.47 14.56
N LYS B 276 -19.47 -30.84 13.50
CA LYS B 276 -19.60 -31.45 12.18
C LYS B 276 -18.32 -32.22 11.86
N SER B 277 -17.50 -32.44 12.87
CA SER B 277 -16.26 -33.19 12.72
C SER B 277 -16.45 -34.57 13.35
N GLU B 278 -15.43 -35.42 13.23
CA GLU B 278 -15.51 -36.77 13.76
C GLU B 278 -15.57 -36.87 15.29
N ASN B 279 -14.64 -36.21 15.98
CA ASN B 279 -14.63 -36.26 17.44
C ASN B 279 -14.82 -34.88 18.05
N PRO B 280 -16.08 -34.43 18.19
CA PRO B 280 -16.46 -33.13 18.74
C PRO B 280 -15.75 -32.72 20.05
N LEU B 281 -15.88 -33.54 21.08
CA LEU B 281 -15.27 -33.21 22.36
C LEU B 281 -13.75 -33.02 22.26
N GLU B 282 -13.07 -34.00 21.68
CA GLU B 282 -11.62 -33.95 21.53
C GLU B 282 -11.20 -32.76 20.66
N ARG B 283 -11.94 -32.55 19.58
CA ARG B 283 -11.69 -31.46 18.65
C ARG B 283 -11.88 -30.11 19.35
N ALA B 284 -12.95 -29.99 20.11
CA ALA B 284 -13.24 -28.76 20.84
C ALA B 284 -12.14 -28.41 21.85
N ARG B 285 -11.72 -29.41 22.62
CA ARG B 285 -10.67 -29.22 23.62
C ARG B 285 -9.39 -28.75 22.92
N ALA B 286 -9.07 -29.37 21.79
CA ALA B 286 -7.87 -29.00 21.04
C ALA B 286 -7.91 -27.54 20.58
N ILE B 287 -9.04 -27.09 20.07
CA ILE B 287 -9.17 -25.72 19.62
C ILE B 287 -9.07 -24.75 20.79
N VAL B 288 -9.60 -25.15 21.95
CA VAL B 288 -9.54 -24.33 23.15
C VAL B 288 -8.07 -24.18 23.56
N GLU B 289 -7.34 -25.29 23.59
CA GLU B 289 -5.93 -25.24 23.97
C GLU B 289 -5.10 -24.42 22.99
N ALA B 290 -5.39 -24.55 21.70
CA ALA B 290 -4.65 -23.81 20.68
C ALA B 290 -4.93 -22.31 20.78
N THR B 291 -6.14 -21.95 21.20
CA THR B 291 -6.51 -20.55 21.33
C THR B 291 -5.82 -19.90 22.53
N TYR B 292 -5.62 -20.66 23.60
CA TYR B 292 -4.95 -20.16 24.79
C TYR B 292 -3.43 -20.20 24.63
N ASN B 293 -2.95 -21.09 23.77
CA ASN B 293 -1.51 -21.24 23.54
C ASN B 293 -1.16 -21.03 22.07
N TYR B 294 -1.80 -20.05 21.44
CA TYR B 294 -1.59 -19.76 20.03
C TYR B 294 -0.14 -19.46 19.65
N ASP B 295 0.68 -19.12 20.65
CA ASP B 295 2.09 -18.82 20.42
C ASP B 295 3.02 -19.99 20.77
N LYS B 296 2.46 -21.18 20.94
CA LYS B 296 3.25 -22.37 21.29
C LYS B 296 3.02 -23.50 20.29
N PRO B 297 3.82 -23.52 19.20
CA PRO B 297 3.70 -24.54 18.16
C PRO B 297 3.66 -25.99 18.65
N ASP B 298 4.47 -26.32 19.65
CA ASP B 298 4.49 -27.69 20.18
C ASP B 298 3.13 -28.11 20.72
N ILE B 299 2.46 -27.19 21.41
CA ILE B 299 1.14 -27.50 21.97
C ILE B 299 0.10 -27.61 20.85
N VAL B 300 0.13 -26.66 19.92
CA VAL B 300 -0.80 -26.67 18.80
C VAL B 300 -0.63 -27.98 18.03
N ALA B 301 0.62 -28.40 17.86
CA ALA B 301 0.95 -29.63 17.13
C ALA B 301 0.45 -30.88 17.86
N GLU B 302 0.71 -30.94 19.16
CA GLU B 302 0.31 -32.08 19.96
C GLU B 302 -1.21 -32.26 19.99
N VAL B 303 -1.96 -31.18 20.15
CA VAL B 303 -3.41 -31.31 20.21
C VAL B 303 -4.03 -31.59 18.83
N SER B 304 -3.27 -31.34 17.76
CA SER B 304 -3.78 -31.61 16.42
C SER B 304 -3.50 -33.05 16.03
N LYS B 305 -2.64 -33.70 16.80
CA LYS B 305 -2.24 -35.08 16.56
C LYS B 305 -3.39 -36.09 16.79
N ASN B 306 -3.65 -36.93 15.79
CA ASN B 306 -4.70 -37.96 15.89
C ASN B 306 -6.05 -37.38 16.24
N LEU B 307 -6.33 -36.19 15.71
CA LEU B 307 -7.59 -35.51 15.99
C LEU B 307 -8.76 -36.11 15.22
N GLY B 308 -8.46 -36.84 14.16
CA GLY B 308 -9.53 -37.44 13.38
C GLY B 308 -10.01 -36.54 12.26
N GLU B 309 -11.04 -37.00 11.54
CA GLU B 309 -11.62 -36.26 10.43
C GLU B 309 -12.18 -34.89 10.83
N ALA B 310 -11.91 -33.87 10.02
CA ALA B 310 -12.40 -32.52 10.27
C ALA B 310 -13.58 -32.27 9.33
N MET B 311 -14.34 -31.20 9.57
CA MET B 311 -15.49 -30.89 8.72
C MET B 311 -15.04 -30.70 7.27
N LYS B 312 -15.86 -31.16 6.34
CA LYS B 312 -15.54 -31.07 4.92
C LYS B 312 -15.52 -29.61 4.43
N GLY B 313 -16.69 -29.03 4.22
CA GLY B 313 -16.79 -27.66 3.75
C GLY B 313 -16.54 -27.49 2.27
N MET C 15 18.69 -29.75 2.51
CA MET C 15 17.71 -29.64 1.37
C MET C 15 18.14 -30.49 0.17
N VAL C 16 17.16 -30.95 -0.59
CA VAL C 16 17.43 -31.78 -1.76
C VAL C 16 17.88 -30.91 -2.93
N LYS C 17 18.86 -31.40 -3.68
CA LYS C 17 19.40 -30.65 -4.82
C LYS C 17 19.12 -31.32 -6.17
N HIS C 18 18.71 -32.58 -6.13
CA HIS C 18 18.43 -33.33 -7.36
C HIS C 18 17.58 -34.55 -7.07
N GLY C 19 17.23 -35.28 -8.11
CA GLY C 19 16.43 -36.48 -7.91
C GLY C 19 14.94 -36.33 -8.06
N VAL C 20 14.21 -37.31 -7.55
CA VAL C 20 12.76 -37.31 -7.63
C VAL C 20 12.10 -37.26 -6.27
N VAL C 21 11.17 -36.33 -6.09
CA VAL C 21 10.43 -36.22 -4.83
C VAL C 21 9.07 -36.84 -5.11
N MET C 22 8.68 -37.82 -4.31
CA MET C 22 7.40 -38.47 -4.53
C MET C 22 6.37 -38.22 -3.44
N ASP C 23 5.10 -38.09 -3.83
CA ASP C 23 4.02 -37.88 -2.88
C ASP C 23 3.56 -39.24 -2.39
N VAL C 24 3.47 -39.38 -1.07
CA VAL C 24 3.05 -40.63 -0.46
C VAL C 24 1.92 -40.34 0.54
N THR C 25 0.99 -41.28 0.67
CA THR C 25 -0.13 -41.10 1.58
C THR C 25 -0.16 -42.12 2.73
N ASN C 26 0.88 -42.95 2.81
CA ASN C 26 0.97 -43.95 3.87
C ASN C 26 2.36 -44.57 3.93
N VAL C 27 2.60 -45.36 4.98
CA VAL C 27 3.90 -46.00 5.17
C VAL C 27 4.32 -46.93 4.04
N GLU C 28 3.37 -47.64 3.45
CA GLU C 28 3.71 -48.56 2.37
C GLU C 28 4.21 -47.79 1.14
N GLN C 29 3.55 -46.70 0.80
CA GLN C 29 3.95 -45.90 -0.35
C GLN C 29 5.28 -45.21 -0.13
N ALA C 30 5.52 -44.74 1.10
CA ALA C 30 6.78 -44.08 1.41
C ALA C 30 7.93 -45.07 1.24
N GLN C 31 7.75 -46.28 1.75
CA GLN C 31 8.78 -47.31 1.66
C GLN C 31 9.01 -47.68 0.20
N ILE C 32 7.94 -47.71 -0.59
CA ILE C 32 8.06 -48.00 -2.01
C ILE C 32 8.86 -46.86 -2.64
N ALA C 33 8.52 -45.63 -2.29
CA ALA C 33 9.22 -44.47 -2.82
C ALA C 33 10.71 -44.54 -2.53
N GLU C 34 11.04 -44.85 -1.28
CA GLU C 34 12.43 -44.96 -0.86
C GLU C 34 13.10 -46.13 -1.57
N GLU C 35 12.34 -47.20 -1.78
CA GLU C 35 12.85 -48.39 -2.44
C GLU C 35 13.13 -48.07 -3.92
N ALA C 36 12.26 -47.28 -4.51
CA ALA C 36 12.39 -46.89 -5.91
C ALA C 36 13.56 -45.95 -6.16
N GLY C 37 14.08 -45.33 -5.11
CA GLY C 37 15.20 -44.42 -5.26
C GLY C 37 14.86 -42.94 -5.16
N ALA C 38 13.68 -42.62 -4.63
CA ALA C 38 13.29 -41.22 -4.48
C ALA C 38 14.33 -40.50 -3.60
N VAL C 39 14.51 -39.20 -3.83
CA VAL C 39 15.46 -38.44 -3.02
C VAL C 39 14.77 -37.95 -1.75
N ALA C 40 13.44 -37.91 -1.79
CA ALA C 40 12.63 -37.46 -0.66
C ALA C 40 11.18 -37.78 -0.95
N VAL C 41 10.34 -37.70 0.08
CA VAL C 41 8.92 -37.95 -0.11
C VAL C 41 8.10 -36.78 0.42
N MET C 42 6.90 -36.65 -0.12
CA MET C 42 5.97 -35.60 0.27
C MET C 42 4.82 -36.30 0.98
N ALA C 43 4.70 -36.06 2.28
CA ALA C 43 3.64 -36.69 3.07
C ALA C 43 2.34 -35.89 3.02
N LEU C 44 1.28 -36.54 2.56
CA LEU C 44 -0.03 -35.92 2.49
C LEU C 44 -1.12 -36.99 2.57
N GLU C 45 -2.32 -36.60 2.98
CA GLU C 45 -3.42 -37.55 3.11
C GLU C 45 -4.06 -37.95 1.77
N ARG C 46 -3.99 -37.06 0.78
CA ARG C 46 -4.56 -37.34 -0.53
C ARG C 46 -3.76 -36.66 -1.65
N VAL C 47 -3.32 -37.44 -2.64
CA VAL C 47 -2.55 -36.89 -3.76
C VAL C 47 -3.38 -35.85 -4.52
N PRO C 48 -2.71 -34.91 -5.21
CA PRO C 48 -3.34 -33.84 -5.99
C PRO C 48 -4.54 -34.25 -6.83
N ALA C 49 -4.39 -35.35 -7.58
CA ALA C 49 -5.46 -35.84 -8.44
C ALA C 49 -6.79 -36.02 -7.70
N ASP C 50 -6.72 -36.62 -6.50
CA ASP C 50 -7.92 -36.85 -5.70
C ASP C 50 -8.38 -35.57 -4.98
N ILE C 51 -7.43 -34.71 -4.64
CA ILE C 51 -7.74 -33.46 -3.96
C ILE C 51 -8.73 -32.63 -4.77
N ARG C 52 -8.56 -32.67 -6.09
CA ARG C 52 -9.43 -31.92 -6.99
C ARG C 52 -10.58 -32.78 -7.50
N ALA C 54 -12.86 -34.33 -6.52
CA ALA C 54 -13.68 -34.39 -5.32
C ALA C 54 -12.91 -33.92 -4.10
N GLY C 55 -13.49 -32.98 -3.36
CA GLY C 55 -12.84 -32.46 -2.17
C GLY C 55 -13.13 -30.99 -1.93
N GLY C 56 -13.58 -30.69 -0.72
CA GLY C 56 -13.88 -29.30 -0.37
C GLY C 56 -12.62 -28.54 0.00
N VAL C 57 -12.40 -28.35 1.29
CA VAL C 57 -11.22 -27.63 1.77
C VAL C 57 -10.07 -28.56 2.08
N ALA C 58 -8.95 -28.36 1.38
CA ALA C 58 -7.76 -29.19 1.58
C ALA C 58 -6.82 -28.48 2.54
N ARG C 59 -6.51 -29.14 3.65
CA ARG C 59 -5.64 -28.57 4.67
C ARG C 59 -4.39 -29.39 4.93
N MET C 60 -3.60 -28.89 5.89
CA MET C 60 -2.38 -29.57 6.31
C MET C 60 -2.81 -30.97 6.77
N SER C 61 -1.95 -31.95 6.56
CA SER C 61 -2.28 -33.32 6.96
C SER C 61 -2.11 -33.47 8.46
N ASP C 62 -2.75 -34.50 9.01
CA ASP C 62 -2.67 -34.79 10.44
C ASP C 62 -1.21 -35.07 10.78
N PRO C 63 -0.66 -34.37 11.78
CA PRO C 63 0.73 -34.54 12.21
C PRO C 63 1.12 -35.97 12.51
N ALA C 64 0.15 -36.76 12.96
CA ALA C 64 0.40 -38.17 13.29
C ALA C 64 0.77 -38.96 12.05
N LEU C 65 0.07 -38.70 10.94
CA LEU C 65 0.35 -39.39 9.69
C LEU C 65 1.75 -39.00 9.17
N ILE C 66 2.08 -37.72 9.29
CA ILE C 66 3.38 -37.25 8.83
C ILE C 66 4.51 -37.87 9.65
N GLU C 67 4.30 -37.96 10.96
CA GLU C 67 5.32 -38.55 11.84
C GLU C 67 5.55 -40.03 11.55
N GLU C 68 4.49 -40.75 11.17
CA GLU C 68 4.63 -42.17 10.86
C GLU C 68 5.48 -42.33 9.60
N ILE C 69 5.26 -41.47 8.62
CA ILE C 69 6.03 -41.54 7.38
C ILE C 69 7.48 -41.19 7.67
N MET C 70 7.69 -40.21 8.54
CA MET C 70 9.05 -39.80 8.92
C MET C 70 9.80 -40.98 9.54
N ASP C 71 9.11 -41.75 10.39
CA ASP C 71 9.73 -42.90 11.04
C ASP C 71 9.97 -44.05 10.08
N ALA C 72 9.08 -44.18 9.10
CA ALA C 72 9.16 -45.26 8.11
C ALA C 72 10.32 -45.21 7.12
N VAL C 73 10.85 -44.03 6.84
CA VAL C 73 11.94 -43.92 5.87
C VAL C 73 13.16 -43.14 6.36
N SER C 74 14.28 -43.30 5.66
CA SER C 74 15.52 -42.63 6.01
C SER C 74 15.77 -41.36 5.21
N ILE C 75 15.07 -41.22 4.09
CA ILE C 75 15.22 -40.03 3.25
C ILE C 75 14.39 -38.88 3.82
N PRO C 76 14.63 -37.65 3.35
CA PRO C 76 13.90 -36.47 3.82
C PRO C 76 12.38 -36.54 3.57
N VAL C 77 11.61 -35.95 4.48
CA VAL C 77 10.16 -35.92 4.37
C VAL C 77 9.65 -34.49 4.33
N MET C 78 8.78 -34.20 3.37
CA MET C 78 8.20 -32.88 3.22
C MET C 78 6.72 -32.96 3.53
N ALA C 79 6.12 -31.81 3.83
CA ALA C 79 4.69 -31.75 4.12
C ALA C 79 4.14 -30.43 3.59
N LYS C 80 2.89 -30.45 3.18
CA LYS C 80 2.25 -29.26 2.64
C LYS C 80 1.49 -28.44 3.68
N CYS C 81 1.45 -27.13 3.47
CA CYS C 81 0.69 -26.24 4.33
C CYS C 81 0.01 -25.28 3.36
N ARG C 82 -1.14 -24.75 3.77
CA ARG C 82 -1.88 -23.82 2.93
C ARG C 82 -1.15 -22.50 2.76
N ILE C 83 -1.40 -21.83 1.63
CA ILE C 83 -0.76 -20.54 1.33
C ILE C 83 -1.10 -19.55 2.42
N GLY C 84 -0.08 -18.94 3.00
CA GLY C 84 -0.30 -17.95 4.05
C GLY C 84 -0.66 -18.48 5.43
N HIS C 85 -0.79 -19.79 5.57
CA HIS C 85 -1.15 -20.35 6.87
C HIS C 85 0.07 -20.55 7.77
N THR C 86 0.47 -19.46 8.43
CA THR C 86 1.63 -19.45 9.30
C THR C 86 1.63 -20.49 10.43
N THR C 87 0.50 -20.67 11.08
CA THR C 87 0.44 -21.63 12.18
C THR C 87 0.51 -23.08 11.72
N GLU C 88 -0.01 -23.37 10.54
CA GLU C 88 0.09 -24.73 10.02
C GLU C 88 1.56 -24.99 9.77
N ALA C 89 2.26 -23.98 9.26
CA ALA C 89 3.69 -24.10 8.97
C ALA C 89 4.48 -24.26 10.26
N LEU C 90 4.15 -23.49 11.29
CA LEU C 90 4.84 -23.60 12.57
C LEU C 90 4.66 -24.99 13.16
N VAL C 91 3.51 -25.61 12.88
CA VAL C 91 3.24 -26.95 13.38
C VAL C 91 4.15 -27.96 12.70
N LEU C 92 4.24 -27.88 11.37
CA LEU C 92 5.09 -28.80 10.63
C LEU C 92 6.53 -28.64 11.09
N GLU C 93 6.91 -27.42 11.39
CA GLU C 93 8.27 -27.15 11.85
C GLU C 93 8.49 -27.75 13.24
N ALA C 94 7.47 -27.69 14.09
CA ALA C 94 7.57 -28.24 15.43
C ALA C 94 7.70 -29.76 15.46
N ILE C 95 6.98 -30.46 14.60
CA ILE C 95 7.08 -31.92 14.57
C ILE C 95 8.34 -32.37 13.84
N GLY C 96 9.06 -31.42 13.25
CA GLY C 96 10.31 -31.73 12.59
C GLY C 96 10.37 -32.18 11.13
N VAL C 97 9.49 -31.68 10.27
CA VAL C 97 9.58 -32.07 8.87
C VAL C 97 10.85 -31.44 8.30
N ASP C 98 11.40 -32.04 7.25
CA ASP C 98 12.62 -31.54 6.65
C ASP C 98 12.41 -30.33 5.76
N MET C 99 11.25 -30.25 5.12
CA MET C 99 10.94 -29.12 4.25
C MET C 99 9.45 -28.90 4.18
N ILE C 100 9.03 -27.64 4.20
CA ILE C 100 7.63 -27.30 4.13
C ILE C 100 7.28 -26.78 2.74
N ASP C 101 6.20 -27.29 2.18
CA ASP C 101 5.76 -26.86 0.86
C ASP C 101 4.50 -26.01 0.96
N GLU C 102 4.65 -24.70 0.83
CA GLU C 102 3.51 -23.79 0.86
C GLU C 102 2.94 -23.98 -0.54
N SER C 103 1.94 -24.85 -0.64
CA SER C 103 1.37 -25.19 -1.94
C SER C 103 -0.02 -24.68 -2.29
N GLU C 104 -0.19 -24.41 -3.58
CA GLU C 104 -1.46 -23.94 -4.11
C GLU C 104 -2.36 -25.15 -4.34
N VAL C 105 -1.83 -26.35 -4.07
CA VAL C 105 -2.60 -27.57 -4.23
C VAL C 105 -3.67 -27.60 -3.14
N LEU C 106 -3.33 -27.05 -1.98
CA LEU C 106 -4.27 -27.00 -0.87
C LEU C 106 -5.04 -25.69 -1.01
N THR C 107 -6.13 -25.56 -0.25
CA THR C 107 -6.96 -24.36 -0.28
C THR C 107 -6.24 -23.16 0.37
N GLN C 108 -6.02 -22.10 -0.40
CA GLN C 108 -5.34 -20.91 0.10
C GLN C 108 -5.99 -20.40 1.39
N ALA C 109 -5.17 -20.03 2.36
CA ALA C 109 -5.66 -19.55 3.65
C ALA C 109 -5.63 -18.02 3.78
N ASP C 110 -4.65 -17.37 3.15
CA ASP C 110 -4.53 -15.91 3.18
C ASP C 110 -4.56 -15.46 1.73
N PRO C 111 -5.61 -14.72 1.34
CA PRO C 111 -5.74 -14.24 -0.04
C PRO C 111 -4.80 -13.11 -0.44
N PHE C 112 -4.16 -12.49 0.55
CA PHE C 112 -3.28 -11.37 0.24
C PHE C 112 -1.79 -11.65 0.30
N PHE C 113 -1.35 -12.47 1.24
CA PHE C 113 0.08 -12.73 1.38
C PHE C 113 0.48 -14.18 1.63
N HIS C 114 1.70 -14.49 1.24
CA HIS C 114 2.28 -15.80 1.47
C HIS C 114 2.99 -15.68 2.82
N ILE C 115 3.35 -16.82 3.41
CA ILE C 115 4.05 -16.82 4.67
C ILE C 115 5.39 -16.10 4.54
N TYR C 116 5.82 -15.39 5.59
CA TYR C 116 7.12 -14.74 5.55
C TYR C 116 8.08 -15.84 5.99
N LYS C 117 8.58 -16.57 5.01
CA LYS C 117 9.45 -17.71 5.23
C LYS C 117 10.83 -17.49 5.86
N LYS C 118 11.37 -16.29 5.74
CA LYS C 118 12.69 -16.02 6.30
C LYS C 118 12.77 -16.18 7.82
N LYS C 119 11.65 -15.97 8.51
CA LYS C 119 11.62 -16.11 9.96
C LYS C 119 11.72 -17.55 10.46
N PHE C 120 11.39 -18.51 9.61
CA PHE C 120 11.44 -19.92 10.00
C PHE C 120 12.85 -20.52 9.90
N ASN C 121 13.06 -21.64 10.58
CA ASN C 121 14.33 -22.35 10.53
C ASN C 121 14.25 -23.42 9.45
N VAL C 122 13.11 -24.09 9.36
CA VAL C 122 12.93 -25.12 8.36
C VAL C 122 12.82 -24.46 6.99
N PRO C 123 13.41 -25.07 5.95
CA PRO C 123 13.34 -24.47 4.62
C PRO C 123 11.99 -24.73 3.94
N PHE C 124 11.60 -23.83 3.05
CA PHE C 124 10.34 -23.94 2.33
C PHE C 124 10.57 -24.13 0.85
N VAL C 125 9.62 -24.78 0.20
CA VAL C 125 9.65 -24.91 -1.23
C VAL C 125 8.35 -24.24 -1.65
N CYS C 126 8.40 -23.38 -2.67
CA CYS C 126 7.22 -22.70 -3.15
C CYS C 126 7.02 -22.89 -4.64
N GLY C 127 5.77 -22.81 -5.08
CA GLY C 127 5.47 -22.95 -6.49
C GLY C 127 5.67 -21.62 -7.20
N ALA C 128 5.82 -21.67 -8.52
CA ALA C 128 6.01 -20.47 -9.31
C ALA C 128 5.59 -20.75 -10.74
N ARG C 129 4.78 -19.87 -11.30
CA ARG C 129 4.30 -20.01 -12.67
C ARG C 129 5.17 -19.20 -13.62
N ASN C 130 5.89 -18.22 -13.08
CA ASN C 130 6.75 -17.36 -13.88
C ASN C 130 7.85 -16.71 -13.04
N LEU C 131 8.70 -15.91 -13.67
CA LEU C 131 9.80 -15.27 -12.95
C LEU C 131 9.33 -14.33 -11.85
N GLY C 132 8.27 -13.57 -12.11
CA GLY C 132 7.76 -12.65 -11.10
C GLY C 132 7.41 -13.40 -9.83
N GLU C 133 6.70 -14.50 -9.96
CA GLU C 133 6.32 -15.29 -8.79
C GLU C 133 7.54 -15.87 -8.08
N ALA C 134 8.49 -16.39 -8.85
CA ALA C 134 9.70 -16.99 -8.30
C ALA C 134 10.49 -15.97 -7.48
N VAL C 135 10.67 -14.79 -8.03
CA VAL C 135 11.41 -13.74 -7.36
C VAL C 135 10.74 -13.31 -6.06
N ARG C 136 9.41 -13.16 -6.08
CA ARG C 136 8.68 -12.75 -4.89
C ARG C 136 8.76 -13.84 -3.84
N ARG C 137 8.61 -15.09 -4.27
CA ARG C 137 8.67 -16.22 -3.36
C ARG C 137 10.07 -16.33 -2.74
N ILE C 138 11.11 -16.13 -3.56
CA ILE C 138 12.47 -16.22 -3.07
C ILE C 138 12.78 -15.09 -2.08
N TRP C 139 12.28 -13.90 -2.38
CA TRP C 139 12.49 -12.76 -1.49
C TRP C 139 11.81 -13.01 -0.15
N GLU C 140 10.66 -13.67 -0.18
CA GLU C 140 9.91 -13.97 1.03
C GLU C 140 10.65 -15.03 1.86
N GLY C 141 11.59 -15.74 1.23
CA GLY C 141 12.35 -16.74 1.96
C GLY C 141 12.42 -18.16 1.40
N ALA C 142 11.72 -18.45 0.31
CA ALA C 142 11.75 -19.79 -0.26
C ALA C 142 13.20 -20.24 -0.52
N ALA C 143 13.50 -21.48 -0.18
CA ALA C 143 14.85 -22.06 -0.37
C ALA C 143 14.85 -22.96 -1.60
N MET C 144 13.68 -23.16 -2.17
CA MET C 144 13.53 -24.00 -3.34
C MET C 144 12.27 -23.58 -4.07
N ILE C 145 12.32 -23.63 -5.40
CA ILE C 145 11.17 -23.27 -6.21
C ILE C 145 10.75 -24.47 -7.05
N ARG C 146 9.45 -24.66 -7.18
CA ARG C 146 8.99 -25.73 -8.05
C ARG C 146 8.16 -25.02 -9.12
N THR C 147 8.70 -25.01 -10.33
CA THR C 147 8.03 -24.39 -11.46
C THR C 147 6.89 -25.34 -11.81
N LYS C 148 5.68 -24.97 -11.42
CA LYS C 148 4.54 -25.82 -11.67
C LYS C 148 3.52 -25.22 -12.61
N GLY C 149 2.67 -26.11 -13.13
CA GLY C 149 1.60 -25.70 -14.02
C GLY C 149 0.27 -26.05 -13.39
N GLU C 150 0.14 -27.30 -12.96
CA GLU C 150 -1.09 -27.76 -12.34
C GLU C 150 -1.00 -29.25 -12.05
N ALA C 151 -0.84 -29.59 -10.78
CA ALA C 151 -0.74 -30.98 -10.36
C ALA C 151 -2.09 -31.69 -10.46
N GLY C 152 -2.04 -33.02 -10.52
CA GLY C 152 -3.26 -33.80 -10.60
C GLY C 152 -3.78 -34.08 -11.99
N THR C 153 -3.29 -33.33 -12.99
CA THR C 153 -3.76 -33.52 -14.36
C THR C 153 -3.06 -34.64 -15.13
N GLY C 154 -1.81 -34.92 -14.78
CA GLY C 154 -1.08 -35.97 -15.48
C GLY C 154 -0.69 -35.48 -16.88
N ASN C 155 -0.91 -34.19 -17.12
CA ASN C 155 -0.59 -33.56 -18.40
C ASN C 155 0.66 -32.71 -18.24
N ILE C 156 1.76 -33.15 -18.85
CA ILE C 156 3.04 -32.46 -18.74
C ILE C 156 3.08 -31.05 -19.36
N VAL C 157 2.11 -30.71 -20.20
CA VAL C 157 2.10 -29.40 -20.85
C VAL C 157 2.17 -28.26 -19.84
N GLU C 158 1.63 -28.50 -18.65
CA GLU C 158 1.59 -27.53 -17.57
C GLU C 158 3.00 -27.11 -17.15
N ALA C 159 3.79 -28.09 -16.74
CA ALA C 159 5.15 -27.86 -16.32
C ALA C 159 5.98 -27.28 -17.46
N VAL C 160 5.76 -27.76 -18.69
CA VAL C 160 6.52 -27.27 -19.83
C VAL C 160 6.26 -25.79 -20.10
N ARG C 161 4.99 -25.39 -20.10
CA ARG C 161 4.64 -24.00 -20.35
C ARG C 161 5.39 -23.09 -19.39
N HIS C 162 5.32 -23.40 -18.11
CA HIS C 162 5.97 -22.55 -17.12
C HIS C 162 7.49 -22.60 -17.09
N MET C 163 8.08 -23.75 -17.46
CA MET C 163 9.54 -23.81 -17.50
C MET C 163 10.00 -22.97 -18.69
N ARG C 164 9.23 -23.02 -19.78
CA ARG C 164 9.54 -22.24 -20.97
C ARG C 164 9.48 -20.75 -20.60
N LEU C 165 8.40 -20.36 -19.93
CA LEU C 165 8.22 -18.97 -19.51
C LEU C 165 9.37 -18.55 -18.58
N MET C 166 9.77 -19.46 -17.70
CA MET C 166 10.85 -19.18 -16.74
C MET C 166 12.19 -19.00 -17.46
N ASN C 167 12.52 -19.91 -18.37
CA ASN C 167 13.77 -19.84 -19.13
C ASN C 167 13.85 -18.60 -20.03
N GLU C 168 12.78 -18.34 -20.78
CA GLU C 168 12.77 -17.19 -21.67
C GLU C 168 12.88 -15.87 -20.91
N ALA C 169 12.25 -15.79 -19.73
CA ALA C 169 12.30 -14.57 -18.93
C ALA C 169 13.71 -14.34 -18.38
N ILE C 170 14.37 -15.41 -17.97
CA ILE C 170 15.72 -15.28 -17.45
C ILE C 170 16.69 -14.94 -18.58
N ALA C 171 16.42 -15.45 -19.77
CA ALA C 171 17.28 -15.17 -20.91
C ALA C 171 17.16 -13.68 -21.28
N GLN C 172 15.95 -13.14 -21.23
CA GLN C 172 15.74 -11.72 -21.55
C GLN C 172 16.33 -10.82 -20.45
N LEU C 173 16.24 -11.27 -19.20
CA LEU C 173 16.76 -10.50 -18.08
C LEU C 173 18.27 -10.31 -18.19
N GLN C 174 18.95 -11.31 -18.75
CA GLN C 174 20.40 -11.24 -18.90
C GLN C 174 20.87 -10.23 -19.95
N ARG C 175 19.96 -9.76 -20.80
CA ARG C 175 20.32 -8.80 -21.83
C ARG C 175 20.06 -7.37 -21.35
N MET C 176 19.53 -7.24 -20.14
CA MET C 176 19.20 -5.93 -19.57
C MET C 176 20.30 -5.33 -18.70
N THR C 177 20.32 -4.00 -18.65
CA THR C 177 21.26 -3.28 -17.81
C THR C 177 20.66 -3.34 -16.40
N ASP C 178 21.46 -3.02 -15.38
CA ASP C 178 20.94 -3.04 -14.02
C ASP C 178 19.76 -2.09 -13.84
N GLU C 179 19.83 -0.94 -14.52
CA GLU C 179 18.76 0.04 -14.43
C GLU C 179 17.44 -0.53 -14.96
N GLU C 180 17.52 -1.30 -16.04
CA GLU C 180 16.31 -1.91 -16.62
C GLU C 180 15.81 -3.02 -15.70
N VAL C 181 16.73 -3.70 -15.04
CA VAL C 181 16.34 -4.76 -14.13
C VAL C 181 15.60 -4.12 -12.94
N TYR C 182 16.03 -2.93 -12.53
CA TYR C 182 15.35 -2.25 -11.43
C TYR C 182 13.90 -2.00 -11.86
N GLY C 183 13.72 -1.61 -13.12
CA GLY C 183 12.38 -1.37 -13.64
C GLY C 183 11.52 -2.62 -13.52
N VAL C 184 12.11 -3.79 -13.75
CA VAL C 184 11.38 -5.04 -13.66
C VAL C 184 11.01 -5.31 -12.21
N ALA C 185 11.96 -5.05 -11.31
CA ALA C 185 11.74 -5.23 -9.88
C ALA C 185 10.60 -4.34 -9.41
N LYS C 186 10.54 -3.12 -9.94
CA LYS C 186 9.48 -2.19 -9.56
C LYS C 186 8.12 -2.72 -10.00
N PHE C 187 8.07 -3.31 -11.19
CA PHE C 187 6.84 -3.87 -11.71
C PHE C 187 6.39 -5.06 -10.85
N TYR C 188 7.32 -5.96 -10.54
CA TYR C 188 7.00 -7.15 -9.74
C TYR C 188 6.54 -6.86 -8.30
N ALA C 189 6.97 -5.72 -7.75
CA ALA C 189 6.63 -5.39 -6.38
C ALA C 189 5.19 -4.94 -6.16
N ASN C 190 4.56 -4.41 -7.21
CA ASN C 190 3.19 -3.90 -7.12
C ASN C 190 2.16 -4.84 -6.51
N ARG C 191 2.33 -6.14 -6.71
CA ARG C 191 1.39 -7.12 -6.18
C ARG C 191 1.21 -7.03 -4.67
N TYR C 192 2.26 -6.63 -3.96
CA TYR C 192 2.20 -6.52 -2.50
C TYR C 192 1.32 -5.40 -1.97
N ALA C 193 1.02 -4.40 -2.81
CA ALA C 193 0.21 -3.28 -2.36
C ALA C 193 -1.28 -3.41 -2.65
N GLU C 194 -1.71 -4.58 -3.10
CA GLU C 194 -3.11 -4.79 -3.42
C GLU C 194 -4.04 -4.58 -2.21
N LEU C 195 -3.62 -5.07 -1.04
CA LEU C 195 -4.43 -4.92 0.16
C LEU C 195 -4.57 -3.45 0.54
N ALA C 196 -3.46 -2.74 0.60
CA ALA C 196 -3.46 -1.33 0.96
C ALA C 196 -4.36 -0.52 0.03
N LYS C 197 -4.31 -0.82 -1.26
CA LYS C 197 -5.13 -0.09 -2.23
C LYS C 197 -6.61 -0.38 -2.07
N THR C 198 -6.93 -1.65 -1.81
CA THR C 198 -8.32 -2.06 -1.62
C THR C 198 -8.89 -1.40 -0.37
N VAL C 199 -8.08 -1.34 0.69
CA VAL C 199 -8.50 -0.73 1.93
C VAL C 199 -8.74 0.77 1.77
N ARG C 200 -7.83 1.47 1.12
CA ARG C 200 -8.00 2.91 0.95
C ARG C 200 -9.27 3.21 0.16
N GLU C 201 -9.54 2.38 -0.83
CA GLU C 201 -10.73 2.55 -1.64
C GLU C 201 -11.98 2.33 -0.78
N GLY C 202 -11.90 1.35 0.11
CA GLY C 202 -13.01 1.06 0.99
C GLY C 202 -13.27 2.19 1.96
N MET C 203 -12.26 3.03 2.16
CA MET C 203 -12.36 4.17 3.06
C MET C 203 -12.74 5.46 2.31
N GLY C 204 -13.14 5.30 1.05
CA GLY C 204 -13.57 6.43 0.24
C GLY C 204 -12.48 7.22 -0.48
N LEU C 205 -11.26 6.71 -0.50
CA LEU C 205 -10.14 7.41 -1.13
C LEU C 205 -9.59 6.68 -2.35
N PRO C 206 -8.73 7.36 -3.15
CA PRO C 206 -8.15 6.77 -4.35
C PRO C 206 -7.38 5.48 -4.02
N ALA C 207 -7.48 4.49 -4.90
CA ALA C 207 -6.78 3.21 -4.69
C ALA C 207 -5.30 3.36 -5.03
N THR C 208 -4.60 4.15 -4.21
CA THR C 208 -3.19 4.42 -4.40
C THR C 208 -2.45 4.20 -3.09
N VAL C 209 -1.12 4.08 -3.17
CA VAL C 209 -0.30 3.90 -1.99
C VAL C 209 0.96 4.74 -2.10
N LEU C 210 1.51 5.09 -0.95
CA LEU C 210 2.75 5.87 -0.88
C LEU C 210 3.82 4.79 -0.76
N GLU C 211 4.91 4.92 -1.51
CA GLU C 211 5.94 3.89 -1.47
C GLU C 211 6.69 3.75 -0.16
N ASN C 212 6.54 4.71 0.74
CA ASN C 212 7.24 4.65 2.02
C ASN C 212 6.38 4.24 3.23
N GLU C 213 5.24 3.62 2.97
CA GLU C 213 4.36 3.15 4.05
C GLU C 213 4.49 1.63 4.13
N PRO C 214 4.48 1.06 5.34
CA PRO C 214 4.58 -0.40 5.54
C PRO C 214 3.42 -1.17 4.90
N ILE C 215 3.72 -2.24 4.18
CA ILE C 215 2.65 -3.03 3.57
C ILE C 215 2.79 -4.55 3.78
N TYR C 216 4.02 -5.03 3.94
CA TYR C 216 4.26 -6.46 4.16
C TYR C 216 5.41 -6.68 5.15
N GLU C 217 5.09 -7.28 6.30
CA GLU C 217 6.09 -7.55 7.33
C GLU C 217 6.93 -6.34 7.72
N GLY C 218 6.32 -5.16 7.74
CA GLY C 218 7.06 -3.96 8.10
C GLY C 218 7.82 -3.32 6.94
N PHE C 219 7.89 -4.03 5.82
CA PHE C 219 8.60 -3.52 4.65
C PHE C 219 7.72 -2.58 3.85
N THR C 220 8.28 -1.46 3.39
CA THR C 220 7.54 -0.51 2.58
C THR C 220 7.66 -0.97 1.13
N LEU C 221 6.87 -0.39 0.24
CA LEU C 221 6.93 -0.77 -1.16
C LEU C 221 8.35 -0.54 -1.68
N ALA C 222 8.94 0.61 -1.32
CA ALA C 222 10.28 0.95 -1.77
C ALA C 222 11.33 -0.07 -1.32
N GLU C 223 11.18 -0.60 -0.11
CA GLU C 223 12.13 -1.58 0.40
C GLU C 223 11.90 -2.92 -0.29
N ILE C 224 10.64 -3.23 -0.64
CA ILE C 224 10.34 -4.48 -1.30
C ILE C 224 10.94 -4.47 -2.70
N ILE C 225 10.87 -3.31 -3.35
CA ILE C 225 11.43 -3.18 -4.68
C ILE C 225 12.94 -3.47 -4.64
N ASP C 226 13.63 -2.90 -3.66
CA ASP C 226 15.07 -3.11 -3.51
C ASP C 226 15.37 -4.58 -3.24
N GLY C 227 14.50 -5.24 -2.49
CA GLY C 227 14.69 -6.65 -2.18
C GLY C 227 14.54 -7.50 -3.43
N LEU C 228 13.50 -7.24 -4.22
CA LEU C 228 13.30 -8.00 -5.46
C LEU C 228 14.43 -7.73 -6.43
N TYR C 229 14.88 -6.47 -6.47
CA TYR C 229 15.97 -6.07 -7.34
C TYR C 229 17.23 -6.89 -7.06
N GLU C 230 17.58 -7.04 -5.79
CA GLU C 230 18.75 -7.82 -5.42
C GLU C 230 18.60 -9.27 -5.88
N VAL C 231 17.42 -9.84 -5.70
CA VAL C 231 17.20 -11.22 -6.15
C VAL C 231 17.37 -11.28 -7.67
N LEU C 232 16.76 -10.33 -8.38
CA LEU C 232 16.88 -10.29 -9.84
C LEU C 232 18.31 -10.12 -10.31
N LEU C 233 19.13 -9.37 -9.57
CA LEU C 233 20.53 -9.21 -9.96
C LEU C 233 21.26 -10.55 -9.87
N GLU C 234 20.88 -11.38 -8.91
CA GLU C 234 21.50 -12.69 -8.76
C GLU C 234 21.03 -13.59 -9.90
N VAL C 235 19.75 -13.50 -10.23
CA VAL C 235 19.22 -14.29 -11.34
C VAL C 235 20.00 -13.91 -12.60
N LYS C 236 20.19 -12.62 -12.80
CA LYS C 236 20.91 -12.13 -13.97
C LYS C 236 22.34 -12.65 -14.00
N LYS C 237 23.02 -12.61 -12.85
CA LYS C 237 24.40 -13.08 -12.77
C LYS C 237 24.55 -14.58 -13.02
N LEU C 238 23.65 -15.38 -12.45
CA LEU C 238 23.71 -16.83 -12.59
C LEU C 238 23.12 -17.39 -13.88
N GLY C 239 22.16 -16.69 -14.46
CA GLY C 239 21.53 -17.19 -15.66
C GLY C 239 20.50 -18.22 -15.28
N ARG C 240 20.10 -18.19 -14.01
CA ARG C 240 19.10 -19.12 -13.47
C ARG C 240 18.68 -18.63 -12.09
N LEU C 241 17.72 -19.31 -11.47
CA LEU C 241 17.28 -18.92 -10.13
C LEU C 241 18.37 -19.21 -9.12
N PRO C 242 18.50 -18.38 -8.08
CA PRO C 242 19.53 -18.56 -7.05
C PRO C 242 19.23 -19.68 -6.04
N VAL C 243 18.13 -20.40 -6.25
CA VAL C 243 17.81 -21.51 -5.36
C VAL C 243 17.52 -22.72 -6.24
N VAL C 244 17.43 -23.88 -5.61
CA VAL C 244 17.14 -25.12 -6.34
C VAL C 244 15.78 -24.98 -7.01
N ASN C 245 15.67 -25.48 -8.23
CA ASN C 245 14.44 -25.38 -9.01
C ASN C 245 14.01 -26.72 -9.60
N PHE C 246 12.90 -27.27 -9.10
CA PHE C 246 12.37 -28.55 -9.60
C PHE C 246 11.11 -28.31 -10.43
N ALA C 247 10.87 -29.19 -11.41
CA ALA C 247 9.67 -29.07 -12.24
C ALA C 247 8.60 -29.91 -11.54
N ALA C 248 7.34 -29.51 -11.67
CA ALA C 248 6.26 -30.25 -11.02
C ALA C 248 4.93 -30.12 -11.73
N GLY C 249 4.10 -31.14 -11.56
CA GLY C 249 2.78 -31.14 -12.18
C GLY C 249 2.73 -31.74 -13.57
N GLY C 250 2.06 -32.87 -13.70
CA GLY C 250 1.93 -33.51 -14.99
C GLY C 250 2.92 -34.62 -15.32
N VAL C 251 3.99 -34.76 -14.55
CA VAL C 251 4.97 -35.80 -14.82
C VAL C 251 4.34 -37.18 -14.58
N ALA C 252 4.10 -37.91 -15.65
CA ALA C 252 3.46 -39.22 -15.54
C ALA C 252 4.28 -40.35 -16.11
N THR C 253 5.24 -40.04 -16.98
CA THR C 253 6.05 -41.08 -17.60
C THR C 253 7.53 -40.78 -17.44
N PRO C 254 8.38 -41.79 -17.67
CA PRO C 254 9.82 -41.59 -17.55
C PRO C 254 10.27 -40.54 -18.58
N ALA C 255 9.63 -40.54 -19.75
CA ALA C 255 9.96 -39.58 -20.78
C ALA C 255 9.62 -38.15 -20.33
N ASP C 256 8.52 -38.00 -19.58
CA ASP C 256 8.12 -36.68 -19.07
C ASP C 256 9.19 -36.14 -18.12
N ALA C 257 9.67 -36.99 -17.23
CA ALA C 257 10.69 -36.59 -16.28
C ALA C 257 11.95 -36.19 -17.04
N ALA C 258 12.35 -37.00 -18.02
CA ALA C 258 13.53 -36.70 -18.82
C ALA C 258 13.35 -35.39 -19.60
N LEU C 259 12.13 -35.12 -20.05
CA LEU C 259 11.85 -33.89 -20.79
C LEU C 259 12.13 -32.65 -19.92
N MET C 260 11.61 -32.66 -18.69
CA MET C 260 11.82 -31.55 -17.77
C MET C 260 13.30 -31.32 -17.46
N MET C 261 14.05 -32.41 -17.33
CA MET C 261 15.48 -32.29 -17.05
C MET C 261 16.19 -31.64 -18.23
N GLN C 262 15.75 -31.97 -19.45
CA GLN C 262 16.37 -31.39 -20.64
C GLN C 262 15.99 -29.92 -20.75
N LEU C 263 14.90 -29.52 -20.11
CA LEU C 263 14.45 -28.13 -20.14
C LEU C 263 15.16 -27.31 -19.07
N GLY C 264 16.01 -27.95 -18.28
CA GLY C 264 16.75 -27.22 -17.26
C GLY C 264 16.45 -27.46 -15.80
N SER C 265 15.43 -28.26 -15.49
CA SER C 265 15.07 -28.55 -14.10
C SER C 265 16.20 -29.23 -13.35
N ASP C 266 16.27 -29.02 -12.04
CA ASP C 266 17.31 -29.65 -11.22
C ASP C 266 16.77 -31.00 -10.72
N GLY C 267 15.47 -31.19 -10.84
CA GLY C 267 14.83 -32.42 -10.40
C GLY C 267 13.34 -32.36 -10.66
N VAL C 268 12.58 -33.35 -10.20
CA VAL C 268 11.14 -33.36 -10.44
C VAL C 268 10.32 -33.86 -9.26
N PHE C 269 9.08 -33.40 -9.21
CA PHE C 269 8.13 -33.80 -8.18
C PHE C 269 7.14 -34.70 -8.91
N VAL C 270 6.76 -35.80 -8.27
CA VAL C 270 5.79 -36.71 -8.85
C VAL C 270 4.75 -37.03 -7.79
N GLY C 271 3.49 -36.83 -8.11
CA GLY C 271 2.44 -37.11 -7.15
C GLY C 271 1.54 -38.25 -7.55
N SER C 272 0.60 -37.93 -8.43
CA SER C 272 -0.37 -38.91 -8.92
C SER C 272 0.23 -39.88 -9.92
N GLY C 273 1.15 -39.38 -10.75
CA GLY C 273 1.79 -40.18 -11.76
C GLY C 273 2.25 -41.58 -11.38
N ILE C 274 2.67 -41.76 -10.14
CA ILE C 274 3.15 -43.06 -9.67
C ILE C 274 2.09 -43.93 -9.01
N PHE C 275 1.53 -43.44 -7.92
CA PHE C 275 0.53 -44.21 -7.21
C PHE C 275 -0.85 -44.25 -7.83
N LYS C 276 -1.00 -43.56 -8.96
CA LYS C 276 -2.27 -43.56 -9.67
C LYS C 276 -2.10 -44.36 -10.96
N SER C 277 -0.98 -45.08 -11.05
CA SER C 277 -0.69 -45.90 -12.22
C SER C 277 -0.87 -47.38 -11.83
N GLU C 278 -0.77 -48.27 -12.80
CA GLU C 278 -0.95 -49.70 -12.57
C GLU C 278 0.15 -50.37 -11.73
N ASN C 279 1.41 -50.05 -12.04
CA ASN C 279 2.54 -50.63 -11.32
C ASN C 279 3.41 -49.55 -10.69
N PRO C 280 2.97 -48.99 -9.55
CA PRO C 280 3.67 -47.94 -8.81
C PRO C 280 5.17 -48.13 -8.61
N LEU C 281 5.57 -49.21 -7.96
CA LEU C 281 6.99 -49.45 -7.70
C LEU C 281 7.82 -49.51 -8.98
N GLU C 282 7.29 -50.18 -10.00
CA GLU C 282 7.98 -50.31 -11.27
C GLU C 282 8.11 -48.94 -11.95
N ARG C 283 7.00 -48.23 -12.05
CA ARG C 283 6.99 -46.91 -12.69
C ARG C 283 7.85 -45.91 -11.92
N ALA C 284 7.89 -46.05 -10.60
CA ALA C 284 8.68 -45.15 -9.76
C ALA C 284 10.17 -45.32 -10.05
N ARG C 285 10.62 -46.57 -10.14
CA ARG C 285 12.03 -46.85 -10.45
C ARG C 285 12.38 -46.28 -11.81
N ALA C 286 11.48 -46.47 -12.77
CA ALA C 286 11.71 -45.99 -14.13
C ALA C 286 11.83 -44.46 -14.20
N ILE C 287 10.98 -43.75 -13.48
CA ILE C 287 11.04 -42.29 -13.49
C ILE C 287 12.34 -41.84 -12.81
N VAL C 288 12.75 -42.57 -11.75
CA VAL C 288 13.98 -42.24 -11.06
C VAL C 288 15.17 -42.40 -12.00
N GLU C 289 15.15 -43.49 -12.78
CA GLU C 289 16.22 -43.78 -13.74
C GLU C 289 16.27 -42.77 -14.88
N ALA C 290 15.10 -42.43 -15.42
CA ALA C 290 15.03 -41.47 -16.53
C ALA C 290 15.52 -40.09 -16.10
N THR C 291 15.24 -39.74 -14.85
CA THR C 291 15.65 -38.43 -14.32
C THR C 291 17.17 -38.38 -14.18
N TYR C 292 17.76 -39.49 -13.74
CA TYR C 292 19.20 -39.57 -13.57
C TYR C 292 19.91 -39.69 -14.93
N ASN C 293 19.32 -40.46 -15.84
CA ASN C 293 19.89 -40.66 -17.18
C ASN C 293 19.04 -39.96 -18.22
N TYR C 294 18.68 -38.72 -17.97
CA TYR C 294 17.81 -37.97 -18.88
C TYR C 294 18.37 -37.69 -20.26
N ASP C 295 19.68 -37.82 -20.44
CA ASP C 295 20.27 -37.57 -21.75
C ASP C 295 20.68 -38.88 -22.43
N LYS C 296 20.14 -40.00 -21.94
CA LYS C 296 20.42 -41.32 -22.51
C LYS C 296 19.15 -41.97 -23.02
N PRO C 297 18.76 -41.69 -24.27
CA PRO C 297 17.55 -42.23 -24.89
C PRO C 297 17.34 -43.74 -24.73
N ASP C 298 18.41 -44.52 -24.89
CA ASP C 298 18.30 -45.97 -24.75
C ASP C 298 17.84 -46.40 -23.36
N ILE C 299 18.32 -45.70 -22.34
CA ILE C 299 17.92 -46.03 -20.97
C ILE C 299 16.48 -45.60 -20.71
N VAL C 300 16.11 -44.41 -21.16
CA VAL C 300 14.75 -43.93 -20.98
C VAL C 300 13.82 -44.88 -21.73
N ALA C 301 14.26 -45.32 -22.90
CA ALA C 301 13.46 -46.24 -23.70
C ALA C 301 13.31 -47.58 -22.99
N GLU C 302 14.41 -48.11 -22.49
CA GLU C 302 14.38 -49.40 -21.80
C GLU C 302 13.50 -49.39 -20.55
N VAL C 303 13.61 -48.36 -19.73
CA VAL C 303 12.81 -48.29 -18.51
C VAL C 303 11.34 -48.02 -18.81
N SER C 304 11.03 -47.63 -20.03
CA SER C 304 9.64 -47.36 -20.41
C SER C 304 8.92 -48.61 -20.89
N LYS C 305 9.69 -49.64 -21.25
CA LYS C 305 9.09 -50.89 -21.73
C LYS C 305 8.31 -51.66 -20.67
N ASN C 306 7.08 -52.01 -21.00
CA ASN C 306 6.19 -52.78 -20.13
C ASN C 306 5.91 -52.16 -18.77
N LEU C 307 5.72 -50.85 -18.71
CA LEU C 307 5.43 -50.20 -17.44
C LEU C 307 3.97 -50.38 -17.02
N GLY C 308 3.10 -50.64 -17.99
CA GLY C 308 1.70 -50.81 -17.68
C GLY C 308 0.93 -49.51 -17.86
N GLU C 309 -0.31 -49.48 -17.39
CA GLU C 309 -1.16 -48.30 -17.51
C GLU C 309 -0.67 -47.14 -16.66
N ALA C 310 -0.63 -45.95 -17.26
CA ALA C 310 -0.23 -44.73 -16.55
C ALA C 310 -1.51 -44.08 -16.04
N MET C 311 -1.39 -43.00 -15.28
CA MET C 311 -2.58 -42.33 -14.76
C MET C 311 -3.38 -41.72 -15.91
N LYS C 312 -4.70 -41.72 -15.78
CA LYS C 312 -5.57 -41.19 -16.83
C LYS C 312 -5.33 -39.71 -17.12
N GLY C 313 -5.56 -38.87 -16.13
CA GLY C 313 -5.37 -37.44 -16.33
C GLY C 313 -6.56 -36.77 -16.97
CL CL D . 12.66 2.32 -13.09
CL CL E . 5.13 7.88 -2.79
CL CL F . 9.79 24.26 -13.57
CL CL G . 7.82 32.12 1.57
CL CL H . -23.21 -1.86 6.80
CL CL I . -27.79 19.38 2.73
CL CL J . -9.53 -4.94 16.81
CL CL K . 2.60 -13.76 -6.53
CL CL L . 16.43 -22.10 -12.75
#